data_6E7K
#
_entry.id   6E7K
#
_cell.length_a   101.948
_cell.length_b   153.206
_cell.length_c   95.783
_cell.angle_alpha   90.00
_cell.angle_beta   90.00
_cell.angle_gamma   90.00
#
_symmetry.space_group_name_H-M   'P 21 21 2'
#
loop_
_entity.id
_entity.type
_entity.pdbx_description
1 polymer 'Lipoprotein lipase'
2 polymer 'Glycosylphosphatidylinositol-anchored high density lipoprotein-binding protein 1'
3 branched beta-D-mannopyranose-(1-4)-2-acetamido-2-deoxy-beta-D-glucopyranose-(1-4)-2-acetamido-2-deoxy-beta-D-glucopyranose
4 branched beta-D-mannopyranose-(1-4)-2-acetamido-2-deoxy-beta-D-glucopyranose-(1-4)-[alpha-L-fucopyranose-(1-6)]2-acetamido-2-deoxy-beta-D-glucopyranose
5 branched 2-acetamido-2-deoxy-beta-D-glucopyranose-(1-4)-[alpha-L-fucopyranose-(1-6)]2-acetamido-2-deoxy-beta-D-glucopyranose
6 non-polymer 'CALCIUM ION'
7 non-polymer 2-acetamido-2-deoxy-beta-D-glucopyranose
8 water water
#
loop_
_entity_poly.entity_id
_entity_poly.type
_entity_poly.pdbx_seq_one_letter_code
_entity_poly.pdbx_strand_id
1 'polypeptide(L)'
;ADQRRDFIDIESKFALRTPEDTAEDTCHLIPGVAESVATCHFNHSSKTFMVIHGWTVTGMYESWVPKLVAALYKREPDSN
VIVVDWLSRAQEHYPVSAGYTKLVGQDVARFINWMEEEFNYPLDNVHLLGYSLGAHAAGIAGSLTNKKVNRITGLDPAGP
NFEYAEAPSRLSPDDADFVDVLHTFTRGSPGRSIGIQKPVGHVDIYPNGGTFQPGCNIGEAIRVIAERGLGDVDQLVKCS
HERSIHLFIDSLLNEENPSKAYRCSSKEAFEKGLCLSCRKNRCNNLGYEINKVRAKASSKMYLKTRSQMPYKVFHYQVKI
HFSGTESETHTNQAFEISLYGTVAESENIPFTLPEVSTNKTYSFLIYTEVDIGELLMLKLKWKSDSYFSWSDWWSSPGFA
IQKIRVKAGETQKKVIFCSREKVSHLQKGKAPAVFVKCHDKSLNKKSG
;
A,B
2 'polypeptide(L)'
;QTQQEEEEEDEDHGPDDYDEEDEDEVEEEETNRLPGGRSRVLLRCYTCKSLPRDERCNLTQNCSHGQTCTTLIAHGNTES
GLLTTHSTWCTDSCQPITKTVEGTQVTMTCCQSSLCNVPPWQSSRVQDPTG
;
C,D
#
loop_
_chem_comp.id
_chem_comp.type
_chem_comp.name
_chem_comp.formula
BMA D-saccharide, beta linking beta-D-mannopyranose 'C6 H12 O6'
CA non-polymer 'CALCIUM ION' 'Ca 2'
FUC L-saccharide, alpha linking alpha-L-fucopyranose 'C6 H12 O5'
NAG D-saccharide, beta linking 2-acetamido-2-deoxy-beta-D-glucopyranose 'C8 H15 N O6'
#
# COMPACT_ATOMS: atom_id res chain seq x y z
N ASP A 6 -20.30 -22.85 -53.82
CA ASP A 6 -21.32 -22.28 -52.87
C ASP A 6 -21.94 -23.43 -52.07
N PHE A 7 -21.07 -24.38 -51.73
CA PHE A 7 -21.07 -25.07 -50.44
C PHE A 7 -20.38 -24.16 -49.42
N ILE A 8 -20.81 -22.88 -49.38
CA ILE A 8 -20.16 -21.83 -48.59
C ILE A 8 -21.27 -20.86 -48.07
N ASP A 9 -22.09 -21.36 -47.13
CA ASP A 9 -23.21 -20.64 -46.41
C ASP A 9 -22.69 -19.51 -45.52
N ILE A 10 -21.62 -19.78 -44.74
CA ILE A 10 -20.78 -18.92 -43.85
C ILE A 10 -21.41 -17.56 -43.49
N GLU A 11 -21.50 -17.28 -42.18
CA GLU A 11 -22.12 -16.03 -41.70
C GLU A 11 -21.12 -14.86 -41.70
N SER A 12 -19.85 -15.10 -41.36
CA SER A 12 -18.88 -14.00 -41.26
C SER A 12 -18.66 -13.32 -42.63
N LYS A 13 -18.43 -11.99 -42.64
CA LYS A 13 -18.11 -11.25 -43.88
C LYS A 13 -16.63 -10.83 -43.85
N PHE A 14 -16.06 -10.56 -45.03
CA PHE A 14 -14.62 -10.37 -45.18
C PHE A 14 -14.34 -9.17 -46.08
N ALA A 15 -14.06 -8.00 -45.50
CA ALA A 15 -13.85 -6.76 -46.25
C ALA A 15 -12.36 -6.57 -46.49
N LEU A 16 -11.96 -6.23 -47.73
CA LEU A 16 -10.57 -5.88 -48.01
C LEU A 16 -10.52 -4.35 -48.08
N ARG A 17 -9.90 -3.74 -47.08
CA ARG A 17 -9.81 -2.27 -47.00
C ARG A 17 -8.53 -1.86 -47.76
N THR A 18 -8.29 -0.56 -47.88
CA THR A 18 -7.19 -0.07 -48.69
C THR A 18 -6.50 1.08 -47.99
N PRO A 19 -5.27 1.46 -48.38
CA PRO A 19 -4.55 2.53 -47.71
C PRO A 19 -5.29 3.88 -47.79
N GLU A 20 -6.10 4.05 -48.83
CA GLU A 20 -6.85 5.25 -49.06
C GLU A 20 -8.30 5.11 -48.55
N ASP A 21 -8.71 3.93 -48.11
CA ASP A 21 -10.11 3.71 -47.64
C ASP A 21 -10.06 2.76 -46.44
N THR A 22 -9.82 3.32 -45.25
CA THR A 22 -9.44 2.50 -44.10
C THR A 22 -10.59 2.33 -43.13
N ALA A 23 -11.68 3.07 -43.33
CA ALA A 23 -12.75 3.21 -42.35
C ALA A 23 -13.90 2.27 -42.69
N GLU A 24 -14.43 2.37 -43.91
CA GLU A 24 -15.59 1.60 -44.35
C GLU A 24 -15.19 0.22 -44.87
N ASP A 25 -16.15 -0.71 -44.89
CA ASP A 25 -16.03 -2.01 -45.56
C ASP A 25 -16.61 -1.92 -46.99
N THR A 26 -15.93 -1.24 -47.91
CA THR A 26 -16.50 -0.92 -49.19
C THR A 26 -16.41 -2.13 -50.13
N CYS A 27 -15.34 -2.94 -50.05
CA CYS A 27 -15.18 -4.09 -50.96
C CYS A 27 -15.10 -5.42 -50.18
N HIS A 28 -16.01 -6.37 -50.49
CA HIS A 28 -16.08 -7.70 -49.84
C HIS A 28 -15.49 -8.79 -50.73
N LEU A 29 -14.70 -9.67 -50.11
CA LEU A 29 -14.26 -10.94 -50.64
C LEU A 29 -15.31 -11.98 -50.24
N ILE A 30 -16.05 -12.50 -51.23
CA ILE A 30 -17.12 -13.44 -50.98
C ILE A 30 -16.58 -14.84 -51.22
N PRO A 31 -16.43 -15.67 -50.16
CA PRO A 31 -15.89 -17.01 -50.34
C PRO A 31 -16.84 -17.82 -51.23
N GLY A 32 -16.27 -18.66 -52.09
CA GLY A 32 -16.99 -19.36 -53.16
C GLY A 32 -17.21 -18.53 -54.43
N VAL A 33 -16.73 -17.27 -54.47
CA VAL A 33 -16.90 -16.38 -55.62
C VAL A 33 -15.53 -15.81 -56.01
N ALA A 34 -14.79 -16.56 -56.82
CA ALA A 34 -13.40 -16.21 -57.13
C ALA A 34 -13.32 -14.82 -57.77
N GLU A 35 -14.38 -14.37 -58.45
CA GLU A 35 -14.32 -13.12 -59.23
C GLU A 35 -14.30 -11.92 -58.29
N SER A 36 -14.81 -12.10 -57.05
CA SER A 36 -14.86 -11.05 -56.03
C SER A 36 -13.45 -10.60 -55.65
N VAL A 37 -12.52 -11.57 -55.58
CA VAL A 37 -11.13 -11.32 -55.19
C VAL A 37 -10.52 -10.33 -56.19
N ALA A 38 -10.81 -10.54 -57.48
CA ALA A 38 -10.36 -9.67 -58.54
C ALA A 38 -11.08 -8.32 -58.45
N THR A 39 -12.40 -8.31 -58.25
CA THR A 39 -13.16 -7.05 -58.09
C THR A 39 -12.48 -6.14 -57.07
N CYS A 40 -12.07 -6.74 -55.95
CA CYS A 40 -11.55 -6.03 -54.79
C CYS A 40 -10.05 -5.75 -54.90
N HIS A 41 -9.39 -6.30 -55.93
CA HIS A 41 -7.99 -6.03 -56.21
C HIS A 41 -7.07 -6.61 -55.13
N PHE A 42 -7.35 -7.83 -54.67
CA PHE A 42 -6.44 -8.53 -53.76
C PHE A 42 -5.10 -8.77 -54.46
N ASN A 43 -3.99 -8.46 -53.79
CA ASN A 43 -2.64 -8.59 -54.36
C ASN A 43 -2.05 -9.97 -54.01
N HIS A 44 -2.02 -10.87 -55.00
CA HIS A 44 -1.62 -12.28 -54.80
C HIS A 44 -0.13 -12.40 -54.53
N SER A 45 0.61 -11.29 -54.71
CA SER A 45 2.05 -11.31 -54.56
C SER A 45 2.51 -10.81 -53.19
N SER A 46 1.58 -10.45 -52.30
CA SER A 46 1.91 -9.78 -51.02
C SER A 46 1.30 -10.54 -49.84
N LYS A 47 1.76 -10.20 -48.64
CA LYS A 47 1.28 -10.79 -47.39
C LYS A 47 -0.14 -10.28 -47.11
N THR A 48 -0.84 -10.99 -46.23
CA THR A 48 -2.21 -10.69 -45.89
C THR A 48 -2.37 -10.66 -44.36
N PHE A 49 -2.87 -9.52 -43.87
CA PHE A 49 -3.33 -9.36 -42.51
C PHE A 49 -4.85 -9.60 -42.45
N MET A 50 -5.32 -10.42 -41.51
CA MET A 50 -6.74 -10.47 -41.21
C MET A 50 -7.00 -9.94 -39.79
N VAL A 51 -7.80 -8.88 -39.70
CA VAL A 51 -8.16 -8.23 -38.46
C VAL A 51 -9.49 -8.79 -37.94
N ILE A 52 -9.45 -9.41 -36.76
CA ILE A 52 -10.63 -10.03 -36.15
C ILE A 52 -10.98 -9.28 -34.85
N HIS A 53 -12.04 -8.46 -34.92
CA HIS A 53 -12.53 -7.67 -33.76
C HIS A 53 -12.99 -8.58 -32.62
N GLY A 54 -13.34 -7.98 -31.49
CA GLY A 54 -13.93 -8.70 -30.35
C GLY A 54 -15.40 -8.35 -30.12
N TRP A 55 -15.82 -8.43 -28.86
CA TRP A 55 -17.19 -8.24 -28.43
C TRP A 55 -17.58 -6.77 -28.61
N THR A 56 -18.84 -6.50 -28.96
CA THR A 56 -19.26 -5.13 -29.22
C THR A 56 -20.71 -4.95 -28.79
N VAL A 57 -20.95 -4.16 -27.74
CA VAL A 57 -22.28 -4.00 -27.14
C VAL A 57 -23.23 -3.27 -28.11
N THR A 58 -22.67 -2.36 -28.91
CA THR A 58 -23.41 -1.75 -30.01
C THR A 58 -23.29 -2.71 -31.18
N GLY A 59 -23.90 -2.42 -32.32
CA GLY A 59 -23.69 -3.38 -33.41
C GLY A 59 -22.42 -3.13 -34.22
N MET A 60 -21.52 -2.27 -33.73
CA MET A 60 -20.68 -1.52 -34.65
C MET A 60 -19.21 -1.81 -34.37
N TYR A 61 -18.37 -1.46 -35.35
CA TYR A 61 -16.93 -1.44 -35.18
C TYR A 61 -16.57 -0.33 -34.21
N GLU A 62 -15.62 -0.61 -33.30
CA GLU A 62 -14.99 0.38 -32.45
C GLU A 62 -13.99 1.20 -33.30
N SER A 63 -13.57 2.34 -32.77
CA SER A 63 -12.81 3.35 -33.50
C SER A 63 -11.34 2.96 -33.69
N TRP A 64 -10.92 1.87 -33.05
CA TRP A 64 -9.57 1.41 -33.17
C TRP A 64 -9.36 0.69 -34.51
N VAL A 65 -10.45 0.26 -35.16
CA VAL A 65 -10.32 -0.61 -36.33
C VAL A 65 -9.68 0.17 -37.48
N PRO A 66 -10.15 1.39 -37.83
CA PRO A 66 -9.51 2.20 -38.85
C PRO A 66 -8.05 2.56 -38.52
N LYS A 67 -7.77 2.73 -37.23
CA LYS A 67 -6.43 3.07 -36.79
C LYS A 67 -5.47 1.92 -37.08
N LEU A 68 -5.87 0.68 -36.72
CA LEU A 68 -5.02 -0.48 -36.93
C LEU A 68 -4.84 -0.73 -38.43
N VAL A 69 -5.92 -0.62 -39.20
CA VAL A 69 -5.87 -0.84 -40.65
C VAL A 69 -4.87 0.15 -41.27
N ALA A 70 -4.98 1.42 -40.86
CA ALA A 70 -4.20 2.51 -41.42
C ALA A 70 -2.72 2.34 -41.04
N ALA A 71 -2.46 1.88 -39.82
CA ALA A 71 -1.09 1.69 -39.37
C ALA A 71 -0.47 0.53 -40.15
N LEU A 72 -1.21 -0.57 -40.31
CA LEU A 72 -0.72 -1.73 -41.06
C LEU A 72 -0.35 -1.29 -42.48
N TYR A 73 -1.17 -0.42 -43.10
CA TYR A 73 -0.93 0.03 -44.50
C TYR A 73 0.20 1.07 -44.56
N LYS A 74 0.42 1.82 -43.48
CA LYS A 74 1.57 2.72 -43.40
C LYS A 74 2.86 1.89 -43.43
N ARG A 75 2.92 0.88 -42.55
CA ARG A 75 4.08 0.00 -42.39
C ARG A 75 4.25 -0.94 -43.60
N GLU A 76 3.15 -1.29 -44.28
CA GLU A 76 3.12 -2.33 -45.33
C GLU A 76 2.19 -1.90 -46.46
N PRO A 77 2.59 -0.90 -47.26
CA PRO A 77 1.66 -0.24 -48.17
C PRO A 77 1.25 -1.11 -49.37
N ASP A 78 1.90 -2.26 -49.54
CA ASP A 78 1.65 -3.15 -50.67
C ASP A 78 0.89 -4.41 -50.22
N SER A 79 0.48 -4.44 -48.94
CA SER A 79 -0.06 -5.66 -48.34
C SER A 79 -1.57 -5.72 -48.60
N ASN A 80 -2.21 -6.80 -48.14
CA ASN A 80 -3.65 -6.89 -48.14
C ASN A 80 -4.14 -6.89 -46.70
N VAL A 81 -5.00 -5.94 -46.35
CA VAL A 81 -5.58 -5.89 -45.01
C VAL A 81 -7.08 -6.20 -45.09
N ILE A 82 -7.43 -7.41 -44.66
CA ILE A 82 -8.78 -7.89 -44.62
C ILE A 82 -9.33 -7.73 -43.21
N VAL A 83 -10.45 -7.00 -43.08
CA VAL A 83 -11.21 -6.89 -41.83
C VAL A 83 -12.33 -7.94 -41.83
N VAL A 84 -12.30 -8.86 -40.86
CA VAL A 84 -13.39 -9.85 -40.60
C VAL A 84 -14.49 -9.17 -39.76
N ASP A 85 -15.71 -9.32 -40.27
CA ASP A 85 -16.93 -8.82 -39.66
C ASP A 85 -17.76 -10.00 -39.09
N TRP A 86 -17.81 -10.12 -37.76
CA TRP A 86 -18.75 -10.99 -37.07
C TRP A 86 -19.56 -10.16 -36.05
N LEU A 87 -19.88 -8.93 -36.42
CA LEU A 87 -20.49 -7.96 -35.49
C LEU A 87 -21.79 -8.50 -34.87
N SER A 88 -22.53 -9.25 -35.68
CA SER A 88 -23.82 -9.80 -35.30
C SER A 88 -23.69 -10.75 -34.13
N ARG A 89 -22.69 -11.63 -34.22
CA ARG A 89 -22.50 -12.64 -33.20
C ARG A 89 -21.78 -12.04 -31.99
N ALA A 90 -21.08 -10.92 -32.23
CA ALA A 90 -20.31 -10.21 -31.21
C ALA A 90 -21.22 -9.29 -30.39
N GLN A 91 -22.49 -9.16 -30.80
CA GLN A 91 -23.41 -8.26 -30.10
C GLN A 91 -24.30 -9.02 -29.11
N GLU A 92 -24.00 -10.29 -28.82
CA GLU A 92 -24.84 -11.07 -27.94
C GLU A 92 -24.38 -10.85 -26.49
N HIS A 93 -25.03 -11.55 -25.55
CA HIS A 93 -24.51 -11.58 -24.19
C HIS A 93 -23.19 -12.34 -24.26
N TYR A 94 -22.30 -12.02 -23.32
CA TYR A 94 -20.89 -12.39 -23.45
C TYR A 94 -20.73 -13.88 -23.65
N PRO A 95 -21.37 -14.77 -22.85
CA PRO A 95 -21.08 -16.20 -22.96
C PRO A 95 -21.52 -16.77 -24.31
N VAL A 96 -22.62 -16.23 -24.85
CA VAL A 96 -23.05 -16.53 -26.20
C VAL A 96 -21.97 -16.11 -27.19
N SER A 97 -21.63 -14.81 -27.23
CA SER A 97 -20.59 -14.27 -28.16
C SER A 97 -19.28 -15.06 -28.03
N ALA A 98 -18.94 -15.46 -26.81
CA ALA A 98 -17.74 -16.21 -26.51
C ALA A 98 -17.83 -17.58 -27.16
N GLY A 99 -18.97 -18.26 -26.99
CA GLY A 99 -19.23 -19.52 -27.66
C GLY A 99 -19.10 -19.42 -29.18
N TYR A 100 -19.53 -18.29 -29.75
CA TYR A 100 -19.50 -18.11 -31.19
C TYR A 100 -18.07 -17.98 -31.73
N THR A 101 -17.05 -17.91 -30.86
CA THR A 101 -15.66 -17.83 -31.34
C THR A 101 -15.32 -19.08 -32.16
N LYS A 102 -15.93 -20.23 -31.84
CA LYS A 102 -15.77 -21.49 -32.59
C LYS A 102 -16.27 -21.34 -34.04
N LEU A 103 -17.45 -20.76 -34.22
CA LEU A 103 -18.02 -20.62 -35.54
C LEU A 103 -17.28 -19.53 -36.33
N VAL A 104 -16.97 -18.39 -35.69
CA VAL A 104 -16.24 -17.32 -36.41
C VAL A 104 -14.88 -17.86 -36.87
N GLY A 105 -14.26 -18.70 -36.03
CA GLY A 105 -12.97 -19.30 -36.34
C GLY A 105 -13.04 -20.27 -37.51
N GLN A 106 -14.11 -21.08 -37.51
CA GLN A 106 -14.32 -22.04 -38.56
C GLN A 106 -14.59 -21.31 -39.89
N ASP A 107 -15.35 -20.20 -39.83
CA ASP A 107 -15.63 -19.33 -40.99
C ASP A 107 -14.33 -18.79 -41.58
N VAL A 108 -13.44 -18.31 -40.70
CA VAL A 108 -12.17 -17.70 -41.13
C VAL A 108 -11.25 -18.78 -41.73
N ALA A 109 -11.26 -19.99 -41.16
CA ALA A 109 -10.43 -21.09 -41.67
C ALA A 109 -10.96 -21.56 -43.03
N ARG A 110 -12.28 -21.63 -43.17
CA ARG A 110 -12.88 -22.02 -44.42
C ARG A 110 -12.46 -21.01 -45.49
N PHE A 111 -12.59 -19.72 -45.17
CA PHE A 111 -12.17 -18.65 -46.09
C PHE A 111 -10.69 -18.78 -46.48
N ILE A 112 -9.79 -19.04 -45.51
CA ILE A 112 -8.35 -19.06 -45.80
C ILE A 112 -8.03 -20.28 -46.67
N ASN A 113 -8.61 -21.43 -46.29
CA ASN A 113 -8.49 -22.69 -47.00
C ASN A 113 -9.00 -22.58 -48.44
N TRP A 114 -10.04 -21.77 -48.64
CA TRP A 114 -10.57 -21.50 -49.96
C TRP A 114 -9.54 -20.70 -50.75
N MET A 115 -9.02 -19.60 -50.17
CA MET A 115 -8.04 -18.78 -50.88
C MET A 115 -6.84 -19.65 -51.28
N GLU A 116 -6.55 -20.69 -50.51
CA GLU A 116 -5.44 -21.58 -50.80
C GLU A 116 -5.80 -22.51 -51.95
N GLU A 117 -6.99 -23.12 -51.94
CA GLU A 117 -7.38 -24.09 -52.99
C GLU A 117 -7.66 -23.38 -54.32
N GLU A 118 -8.33 -22.22 -54.28
CA GLU A 118 -8.78 -21.54 -55.48
C GLU A 118 -7.67 -20.70 -56.12
N PHE A 119 -6.62 -20.32 -55.39
CA PHE A 119 -5.63 -19.38 -55.94
C PHE A 119 -4.18 -19.78 -55.62
N ASN A 120 -3.95 -20.98 -55.10
CA ASN A 120 -2.66 -21.38 -54.53
C ASN A 120 -1.99 -20.23 -53.77
N TYR A 121 -2.77 -19.46 -53.00
CA TYR A 121 -2.22 -18.42 -52.15
C TYR A 121 -1.61 -19.08 -50.91
N PRO A 122 -0.32 -18.78 -50.61
CA PRO A 122 0.39 -19.46 -49.52
C PRO A 122 -0.04 -19.01 -48.11
N LEU A 123 -0.28 -19.99 -47.25
CA LEU A 123 -0.75 -19.69 -45.92
C LEU A 123 0.38 -19.13 -45.05
N ASP A 124 1.63 -19.36 -45.45
CA ASP A 124 2.74 -18.79 -44.72
C ASP A 124 2.89 -17.31 -45.11
N ASN A 125 1.91 -16.75 -45.84
CA ASN A 125 1.85 -15.31 -46.04
C ASN A 125 0.75 -14.65 -45.20
N VAL A 126 0.15 -15.36 -44.24
CA VAL A 126 -1.05 -14.86 -43.51
C VAL A 126 -0.73 -14.60 -42.04
N HIS A 127 -1.01 -13.37 -41.60
CA HIS A 127 -0.88 -12.93 -40.23
C HIS A 127 -2.28 -12.58 -39.70
N LEU A 128 -2.77 -13.35 -38.71
CA LEU A 128 -4.08 -13.06 -38.09
C LEU A 128 -3.86 -12.15 -36.87
N LEU A 129 -4.60 -11.04 -36.77
CA LEU A 129 -4.56 -10.19 -35.57
C LEU A 129 -5.94 -10.17 -34.90
N GLY A 130 -6.02 -10.82 -33.74
CA GLY A 130 -7.28 -10.91 -33.02
C GLY A 130 -7.25 -10.13 -31.73
N TYR A 131 -8.28 -9.30 -31.54
CA TYR A 131 -8.47 -8.56 -30.31
C TYR A 131 -9.52 -9.23 -29.41
N SER A 132 -9.20 -9.45 -28.14
CA SER A 132 -10.19 -9.84 -27.14
C SER A 132 -10.74 -11.23 -27.53
N LEU A 133 -12.05 -11.37 -27.74
CA LEU A 133 -12.67 -12.64 -28.25
C LEU A 133 -12.07 -13.01 -29.61
N GLY A 134 -11.78 -11.98 -30.42
CA GLY A 134 -11.14 -12.13 -31.73
C GLY A 134 -9.86 -12.96 -31.66
N ALA A 135 -9.12 -12.83 -30.55
CA ALA A 135 -7.85 -13.54 -30.43
C ALA A 135 -8.09 -15.06 -30.45
N HIS A 136 -9.18 -15.49 -29.80
CA HIS A 136 -9.53 -16.89 -29.71
C HIS A 136 -10.17 -17.35 -31.03
N ALA A 137 -10.94 -16.47 -31.68
CA ALA A 137 -11.46 -16.83 -33.01
C ALA A 137 -10.28 -17.10 -33.96
N ALA A 138 -9.23 -16.25 -33.88
CA ALA A 138 -8.02 -16.38 -34.68
C ALA A 138 -7.27 -17.67 -34.32
N GLY A 139 -7.24 -18.00 -33.04
CA GLY A 139 -6.58 -19.23 -32.60
C GLY A 139 -7.22 -20.47 -33.20
N ILE A 140 -8.55 -20.49 -33.14
CA ILE A 140 -9.35 -21.63 -33.61
C ILE A 140 -9.21 -21.73 -35.14
N ALA A 141 -9.23 -20.58 -35.82
CA ALA A 141 -9.08 -20.55 -37.27
C ALA A 141 -7.74 -21.19 -37.63
N GLY A 142 -6.68 -20.70 -37.00
CA GLY A 142 -5.34 -21.20 -37.24
C GLY A 142 -5.23 -22.70 -37.04
N SER A 143 -6.06 -23.25 -36.15
CA SER A 143 -6.03 -24.67 -35.82
C SER A 143 -6.80 -25.51 -36.86
N LEU A 144 -7.49 -24.85 -37.80
CA LEU A 144 -8.33 -25.51 -38.80
C LEU A 144 -7.88 -25.20 -40.23
N THR A 145 -6.77 -24.49 -40.41
CA THR A 145 -6.27 -24.24 -41.73
C THR A 145 -5.59 -25.53 -42.20
N ASN A 146 -5.44 -25.69 -43.52
CA ASN A 146 -4.96 -26.92 -44.12
C ASN A 146 -3.47 -27.08 -43.83
N LYS A 147 -2.71 -26.01 -44.10
CA LYS A 147 -1.35 -25.84 -43.64
C LYS A 147 -1.40 -24.81 -42.50
N LYS A 148 -0.34 -24.74 -41.69
CA LYS A 148 -0.27 -23.79 -40.57
C LYS A 148 -0.02 -22.39 -41.09
N VAL A 149 -0.83 -21.47 -40.58
CA VAL A 149 -0.75 -20.08 -40.90
C VAL A 149 0.55 -19.54 -40.30
N ASN A 150 0.93 -18.31 -40.67
CA ASN A 150 2.31 -17.84 -40.46
C ASN A 150 2.47 -17.30 -39.03
N ARG A 151 1.72 -16.25 -38.70
CA ARG A 151 1.75 -15.61 -37.41
C ARG A 151 0.30 -15.39 -36.94
N ILE A 152 0.05 -15.62 -35.65
CA ILE A 152 -1.12 -15.06 -34.96
C ILE A 152 -0.62 -14.10 -33.89
N THR A 153 -1.26 -12.94 -33.83
CA THR A 153 -1.05 -11.96 -32.81
C THR A 153 -2.34 -11.81 -31.98
N GLY A 154 -2.20 -12.11 -30.67
CA GLY A 154 -3.27 -11.95 -29.67
C GLY A 154 -3.14 -10.63 -28.93
N LEU A 155 -4.09 -9.73 -29.15
CA LEU A 155 -4.18 -8.47 -28.44
C LEU A 155 -5.18 -8.58 -27.28
N ASP A 156 -4.65 -8.76 -26.07
CA ASP A 156 -5.39 -9.05 -24.80
C ASP A 156 -6.52 -10.04 -25.04
N PRO A 157 -6.18 -11.31 -25.30
CA PRO A 157 -7.17 -12.35 -25.45
C PRO A 157 -8.13 -12.38 -24.26
N ALA A 158 -9.40 -12.67 -24.52
CA ALA A 158 -10.43 -12.66 -23.49
C ALA A 158 -10.11 -13.72 -22.46
N GLY A 159 -10.37 -13.41 -21.19
CA GLY A 159 -10.09 -14.27 -20.06
C GLY A 159 -11.27 -15.15 -19.67
N PRO A 160 -12.48 -14.58 -19.43
CA PRO A 160 -13.62 -15.35 -18.95
C PRO A 160 -14.05 -16.44 -19.95
N ASN A 161 -14.07 -17.69 -19.46
CA ASN A 161 -14.39 -18.92 -20.22
C ASN A 161 -13.23 -19.35 -21.13
N PHE A 162 -12.08 -18.67 -21.11
CA PHE A 162 -10.93 -19.15 -21.88
C PHE A 162 -9.73 -19.50 -20.98
N GLU A 163 -9.56 -18.79 -19.87
CA GLU A 163 -8.49 -19.00 -18.89
C GLU A 163 -8.29 -20.49 -18.58
N TYR A 164 -9.39 -21.22 -18.35
CA TYR A 164 -9.39 -22.61 -17.94
C TYR A 164 -9.88 -23.53 -19.07
N ALA A 165 -9.87 -23.01 -20.29
CA ALA A 165 -10.22 -23.74 -21.50
C ALA A 165 -8.96 -24.43 -22.03
N GLU A 166 -9.15 -25.53 -22.76
CA GLU A 166 -8.07 -26.29 -23.36
C GLU A 166 -7.82 -25.80 -24.77
N ALA A 167 -6.63 -26.11 -25.29
CA ALA A 167 -6.03 -25.41 -26.40
C ALA A 167 -7.00 -25.38 -27.59
N PRO A 168 -7.66 -26.51 -27.95
CA PRO A 168 -8.57 -26.51 -29.11
C PRO A 168 -9.59 -25.36 -29.09
N SER A 169 -9.96 -24.89 -27.88
CA SER A 169 -11.05 -23.95 -27.68
C SER A 169 -10.56 -22.51 -27.49
N ARG A 170 -9.24 -22.29 -27.47
CA ARG A 170 -8.68 -20.95 -27.31
C ARG A 170 -7.42 -20.78 -28.17
N LEU A 171 -6.88 -19.55 -28.18
CA LEU A 171 -5.58 -19.29 -28.73
C LEU A 171 -4.55 -20.12 -27.98
N SER A 172 -3.63 -20.73 -28.72
CA SER A 172 -2.57 -21.49 -28.12
C SER A 172 -1.40 -21.54 -29.08
N PRO A 173 -0.18 -21.90 -28.61
CA PRO A 173 1.00 -21.82 -29.45
C PRO A 173 0.95 -22.71 -30.69
N ASP A 174 0.15 -23.79 -30.65
CA ASP A 174 0.08 -24.73 -31.75
C ASP A 174 -0.67 -24.12 -32.94
N ASP A 175 -1.37 -22.99 -32.75
CA ASP A 175 -2.38 -22.51 -33.70
C ASP A 175 -1.75 -21.81 -34.91
N ALA A 176 -0.46 -21.47 -34.81
CA ALA A 176 0.28 -20.91 -35.92
C ALA A 176 1.76 -21.29 -35.79
N ASP A 177 2.54 -21.00 -36.84
CA ASP A 177 4.00 -21.19 -36.78
C ASP A 177 4.57 -20.29 -35.69
N PHE A 178 3.92 -19.16 -35.42
CA PHE A 178 4.37 -18.24 -34.40
C PHE A 178 3.21 -17.40 -33.87
N VAL A 179 3.10 -17.33 -32.53
CA VAL A 179 1.98 -16.74 -31.84
C VAL A 179 2.56 -15.77 -30.81
N ASP A 180 2.23 -14.49 -30.93
CA ASP A 180 2.70 -13.49 -29.99
C ASP A 180 1.49 -12.81 -29.32
N VAL A 181 1.58 -12.60 -28.02
CA VAL A 181 0.43 -12.16 -27.25
C VAL A 181 0.83 -10.96 -26.39
N LEU A 182 0.00 -9.92 -26.39
CA LEU A 182 0.09 -8.76 -25.45
C LEU A 182 -1.01 -8.87 -24.40
N HIS A 183 -0.62 -8.99 -23.12
CA HIS A 183 -1.56 -9.01 -22.01
C HIS A 183 -1.56 -7.65 -21.31
N THR A 184 -2.67 -6.93 -21.36
CA THR A 184 -2.68 -5.57 -20.88
C THR A 184 -3.71 -5.31 -19.77
N PHE A 185 -4.63 -6.25 -19.53
CA PHE A 185 -5.65 -6.03 -18.51
C PHE A 185 -5.98 -7.34 -17.78
N THR A 186 -5.01 -7.81 -16.98
CA THR A 186 -5.10 -9.09 -16.30
C THR A 186 -5.54 -8.92 -14.84
N ARG A 187 -5.79 -7.68 -14.40
CA ARG A 187 -6.30 -7.46 -13.04
C ARG A 187 -7.46 -8.43 -12.81
N GLY A 188 -7.56 -8.94 -11.58
CA GLY A 188 -8.64 -9.81 -11.18
C GLY A 188 -8.16 -11.22 -10.80
N SER A 189 -9.10 -11.99 -10.25
CA SER A 189 -8.87 -13.38 -9.94
C SER A 189 -8.95 -14.17 -11.23
N PRO A 190 -8.17 -15.26 -11.37
CA PRO A 190 -8.10 -16.03 -12.62
C PRO A 190 -9.47 -16.55 -13.08
N GLY A 191 -9.84 -16.28 -14.34
CA GLY A 191 -11.13 -16.66 -14.88
C GLY A 191 -12.14 -15.52 -14.81
N ARG A 192 -11.81 -14.49 -14.02
CA ARG A 192 -12.63 -13.28 -13.85
C ARG A 192 -11.83 -12.03 -14.26
N SER A 193 -10.67 -12.20 -14.88
CA SER A 193 -9.96 -11.08 -15.52
C SER A 193 -10.51 -10.89 -16.93
N ILE A 194 -10.56 -9.62 -17.38
CA ILE A 194 -10.95 -9.29 -18.74
C ILE A 194 -9.97 -9.97 -19.71
N GLY A 195 -8.69 -9.64 -19.58
CA GLY A 195 -7.64 -10.28 -20.35
C GLY A 195 -7.17 -11.55 -19.68
N ILE A 196 -6.77 -12.53 -20.49
CA ILE A 196 -6.31 -13.84 -20.00
C ILE A 196 -4.97 -13.67 -19.28
N GLN A 197 -4.77 -14.49 -18.23
CA GLN A 197 -3.61 -14.37 -17.38
C GLN A 197 -2.52 -15.31 -17.90
N LYS A 198 -2.86 -16.59 -18.13
CA LYS A 198 -1.86 -17.60 -18.53
C LYS A 198 -1.27 -17.23 -19.90
N PRO A 199 0.02 -17.52 -20.14
CA PRO A 199 0.62 -17.32 -21.47
C PRO A 199 0.02 -18.34 -22.45
N VAL A 200 -0.38 -17.86 -23.62
CA VAL A 200 -0.99 -18.70 -24.66
C VAL A 200 -0.22 -18.58 -25.99
N GLY A 201 0.97 -18.00 -25.95
CA GLY A 201 1.77 -17.76 -27.16
C GLY A 201 3.09 -18.48 -27.15
N HIS A 202 3.90 -18.27 -28.18
CA HIS A 202 5.33 -18.55 -28.13
C HIS A 202 6.01 -17.45 -27.31
N VAL A 203 5.54 -16.21 -27.48
CA VAL A 203 6.03 -15.08 -26.72
C VAL A 203 4.83 -14.33 -26.15
N ASP A 204 4.83 -14.16 -24.82
CA ASP A 204 3.78 -13.49 -24.09
C ASP A 204 4.40 -12.31 -23.36
N ILE A 205 3.93 -11.11 -23.69
CA ILE A 205 4.44 -9.87 -23.15
C ILE A 205 3.39 -9.23 -22.25
N TYR A 206 3.85 -8.72 -21.11
CA TYR A 206 3.01 -8.15 -20.07
C TYR A 206 3.45 -6.71 -19.81
N PRO A 207 3.03 -5.74 -20.65
CA PRO A 207 3.33 -4.34 -20.40
C PRO A 207 2.87 -3.94 -18.99
N ASN A 208 3.78 -3.33 -18.21
CA ASN A 208 3.54 -2.91 -16.89
C ASN A 208 3.01 -4.07 -16.06
N GLY A 209 3.49 -5.30 -16.30
CA GLY A 209 3.10 -6.46 -15.51
C GLY A 209 1.69 -6.97 -15.81
N GLY A 210 1.03 -6.31 -16.76
CA GLY A 210 -0.13 -6.88 -17.44
C GLY A 210 -1.45 -6.61 -16.75
N THR A 211 -1.45 -6.20 -15.48
CA THR A 211 -2.71 -6.15 -14.72
C THR A 211 -3.50 -4.88 -15.05
N PHE A 212 -2.83 -3.76 -15.28
CA PHE A 212 -3.50 -2.50 -15.56
C PHE A 212 -2.51 -1.55 -16.25
N GLN A 213 -2.99 -0.67 -17.12
CA GLN A 213 -2.06 0.15 -17.90
C GLN A 213 -2.05 1.58 -17.38
N PRO A 214 -0.88 2.27 -17.41
CA PRO A 214 -0.82 3.68 -17.02
C PRO A 214 -1.68 4.54 -17.93
N GLY A 215 -2.33 5.54 -17.31
CA GLY A 215 -3.21 6.46 -17.97
C GLY A 215 -4.66 6.03 -17.91
N CYS A 216 -5.01 5.04 -17.10
CA CYS A 216 -6.37 4.48 -17.10
C CYS A 216 -7.00 4.51 -15.69
N ASN A 217 -7.36 5.69 -15.18
CA ASN A 217 -7.90 5.89 -13.81
C ASN A 217 -8.93 7.04 -13.78
N ILE A 218 -8.45 8.21 -14.24
CA ILE A 218 -9.20 9.43 -14.44
C ILE A 218 -8.62 10.13 -15.69
N GLY A 219 -9.46 10.18 -16.75
CA GLY A 219 -9.08 10.67 -18.08
C GLY A 219 -10.20 11.48 -18.72
N GLU A 220 -9.95 11.86 -19.98
CA GLU A 220 -10.76 12.83 -20.76
C GLU A 220 -11.65 12.11 -21.79
N ALA A 221 -11.36 10.82 -22.04
CA ALA A 221 -12.13 9.92 -22.92
C ALA A 221 -13.25 10.70 -23.65
N GLY A 231 -15.69 8.55 -30.94
CA GLY A 231 -15.21 7.22 -31.28
C GLY A 231 -16.07 6.11 -30.68
N ASP A 232 -15.82 5.79 -29.39
CA ASP A 232 -16.22 4.49 -28.72
C ASP A 232 -17.19 4.70 -27.53
N VAL A 233 -18.04 3.68 -27.32
CA VAL A 233 -19.25 3.71 -26.45
C VAL A 233 -18.88 3.92 -24.98
N ASP A 234 -17.72 3.42 -24.53
CA ASP A 234 -17.28 3.62 -23.13
C ASP A 234 -15.79 3.28 -22.98
N GLN A 235 -14.95 4.26 -23.27
CA GLN A 235 -13.51 4.11 -23.31
C GLN A 235 -12.98 3.88 -21.89
N LEU A 236 -13.51 4.61 -20.91
CA LEU A 236 -12.90 4.69 -19.58
C LEU A 236 -12.77 3.31 -18.95
N VAL A 237 -13.77 2.45 -19.19
CA VAL A 237 -13.83 1.10 -18.63
C VAL A 237 -12.91 0.13 -19.38
N LYS A 238 -12.69 0.33 -20.68
CA LYS A 238 -11.96 -0.67 -21.49
C LYS A 238 -10.59 -0.13 -21.97
N CYS A 239 -10.12 0.94 -21.33
CA CYS A 239 -8.86 1.62 -21.65
C CYS A 239 -7.68 0.67 -21.63
N SER A 240 -7.51 -0.06 -20.52
CA SER A 240 -6.41 -1.00 -20.30
C SER A 240 -6.49 -2.19 -21.26
N HIS A 241 -7.71 -2.56 -21.67
CA HIS A 241 -7.92 -3.70 -22.54
C HIS A 241 -7.47 -3.30 -23.96
N GLU A 242 -7.98 -2.14 -24.39
CA GLU A 242 -7.77 -1.64 -25.72
C GLU A 242 -6.31 -1.21 -25.91
N ARG A 243 -5.63 -0.87 -24.82
CA ARG A 243 -4.24 -0.46 -24.89
C ARG A 243 -3.41 -1.48 -25.70
N SER A 244 -3.76 -2.77 -25.66
CA SER A 244 -2.95 -3.76 -26.36
C SER A 244 -2.82 -3.41 -27.85
N ILE A 245 -3.93 -2.92 -28.44
CA ILE A 245 -3.98 -2.62 -29.85
C ILE A 245 -3.08 -1.41 -30.11
N HIS A 246 -3.17 -0.41 -29.24
CA HIS A 246 -2.50 0.87 -29.48
C HIS A 246 -0.97 0.70 -29.30
N LEU A 247 -0.56 -0.27 -28.47
CA LEU A 247 0.82 -0.65 -28.37
C LEU A 247 1.26 -1.29 -29.70
N PHE A 248 0.44 -2.18 -30.27
CA PHE A 248 0.81 -2.81 -31.56
C PHE A 248 0.92 -1.74 -32.68
N ILE A 249 -0.08 -0.86 -32.75
CA ILE A 249 -0.13 0.23 -33.71
C ILE A 249 1.17 1.05 -33.62
N ASP A 250 1.49 1.43 -32.38
CA ASP A 250 2.67 2.22 -32.08
C ASP A 250 3.93 1.49 -32.57
N SER A 251 3.91 0.16 -32.54
CA SER A 251 5.02 -0.63 -33.04
C SER A 251 5.10 -0.53 -34.58
N LEU A 252 3.94 -0.51 -35.24
CA LEU A 252 3.88 -0.44 -36.73
C LEU A 252 4.41 0.90 -37.22
N LEU A 253 4.27 1.93 -36.39
CA LEU A 253 4.65 3.29 -36.77
C LEU A 253 6.09 3.62 -36.32
N ASN A 254 6.74 2.72 -35.56
CA ASN A 254 8.08 2.97 -35.06
C ASN A 254 8.98 1.79 -35.47
N GLU A 255 9.02 1.53 -36.77
CA GLU A 255 9.72 0.38 -37.37
C GLU A 255 11.16 0.30 -36.88
N GLU A 256 11.88 1.42 -36.97
CA GLU A 256 13.30 1.41 -36.71
C GLU A 256 13.54 2.05 -35.35
N ASN A 257 12.64 1.77 -34.40
CA ASN A 257 12.79 2.34 -33.08
C ASN A 257 11.96 1.54 -32.06
N PRO A 258 12.02 0.19 -32.06
CA PRO A 258 11.08 -0.61 -31.28
C PRO A 258 11.38 -0.53 -29.79
N SER A 259 10.47 -1.13 -29.00
CA SER A 259 10.53 -1.24 -27.56
C SER A 259 10.95 -2.65 -27.18
N LYS A 260 11.98 -2.76 -26.34
CA LYS A 260 12.42 -4.03 -25.82
C LYS A 260 11.43 -4.43 -24.73
N ALA A 261 11.18 -5.73 -24.67
CA ALA A 261 10.64 -6.37 -23.49
C ALA A 261 11.60 -7.49 -23.07
N TYR A 262 11.66 -7.69 -21.75
CA TYR A 262 12.69 -8.44 -21.08
C TYR A 262 12.03 -9.63 -20.36
N ARG A 263 12.44 -10.84 -20.72
CA ARG A 263 12.03 -12.06 -20.03
C ARG A 263 12.35 -11.93 -18.52
N CYS A 264 11.46 -12.44 -17.67
CA CYS A 264 11.67 -12.33 -16.25
C CYS A 264 10.88 -13.38 -15.50
N SER A 265 11.43 -13.81 -14.35
CA SER A 265 10.87 -14.87 -13.53
C SER A 265 9.52 -14.42 -12.94
N SER A 266 9.35 -13.11 -12.79
CA SER A 266 8.11 -12.52 -12.27
C SER A 266 8.12 -11.01 -12.51
N LYS A 267 6.93 -10.40 -12.41
CA LYS A 267 6.77 -8.95 -12.51
C LYS A 267 7.40 -8.28 -11.28
N GLU A 268 7.39 -8.96 -10.13
CA GLU A 268 7.96 -8.42 -8.91
C GLU A 268 9.47 -8.26 -9.11
N ALA A 269 10.10 -9.30 -9.69
CA ALA A 269 11.54 -9.32 -10.00
C ALA A 269 11.89 -8.22 -11.03
N PHE A 270 11.00 -8.05 -12.01
CA PHE A 270 11.21 -7.06 -13.03
C PHE A 270 11.24 -5.67 -12.41
N GLU A 271 10.38 -5.44 -11.42
CA GLU A 271 10.19 -4.11 -10.80
C GLU A 271 11.39 -3.75 -9.89
N LYS A 272 12.22 -4.73 -9.54
CA LYS A 272 13.45 -4.48 -8.77
C LYS A 272 14.63 -4.19 -9.72
N GLY A 273 14.43 -4.36 -11.03
CA GLY A 273 15.49 -4.16 -12.02
C GLY A 273 16.40 -5.38 -12.15
N LEU A 274 15.90 -6.54 -11.72
CA LEU A 274 16.67 -7.74 -11.80
C LEU A 274 16.67 -8.29 -13.23
N CYS A 275 15.65 -7.96 -14.02
CA CYS A 275 15.53 -8.47 -15.37
C CYS A 275 15.53 -7.30 -16.35
N LEU A 276 16.71 -6.71 -16.59
CA LEU A 276 17.08 -6.16 -17.89
C LEU A 276 17.77 -7.33 -18.62
N SER A 277 18.82 -7.15 -19.40
CA SER A 277 19.53 -8.34 -19.98
C SER A 277 18.89 -8.84 -21.29
N CYS A 278 19.72 -8.97 -22.32
CA CYS A 278 19.29 -9.35 -23.63
C CYS A 278 20.05 -10.60 -24.11
N ARG A 279 20.64 -11.36 -23.17
CA ARG A 279 21.42 -12.56 -23.50
C ARG A 279 20.50 -13.73 -23.88
N LYS A 280 20.84 -14.47 -24.94
CA LYS A 280 20.15 -15.72 -25.39
C LYS A 280 18.64 -15.51 -25.36
N ASN A 281 18.18 -14.52 -26.12
CA ASN A 281 16.76 -14.22 -26.29
C ASN A 281 16.09 -13.94 -24.96
N ARG A 282 16.81 -13.26 -24.05
CA ARG A 282 16.21 -12.86 -22.81
C ARG A 282 15.47 -11.55 -23.06
N CYS A 283 15.64 -10.93 -24.22
CA CYS A 283 14.81 -9.78 -24.58
C CYS A 283 14.35 -9.92 -26.04
N ASN A 284 13.25 -9.23 -26.37
CA ASN A 284 12.66 -9.23 -27.71
C ASN A 284 12.01 -7.87 -27.95
N ASN A 285 11.51 -7.63 -29.17
CA ASN A 285 10.80 -6.40 -29.47
C ASN A 285 9.31 -6.62 -29.29
N LEU A 286 8.62 -5.65 -28.68
CA LEU A 286 7.18 -5.67 -28.63
C LEU A 286 6.61 -5.33 -30.03
N GLY A 287 5.79 -6.24 -30.57
CA GLY A 287 4.93 -5.95 -31.73
C GLY A 287 5.43 -6.53 -33.05
N TYR A 288 5.20 -5.75 -34.11
CA TYR A 288 5.42 -6.20 -35.50
C TYR A 288 6.85 -6.72 -35.69
N GLU A 289 7.85 -6.02 -35.14
CA GLU A 289 9.29 -6.32 -35.38
C GLU A 289 9.80 -7.45 -34.48
N ILE A 290 8.92 -8.23 -33.84
CA ILE A 290 9.34 -9.28 -32.88
C ILE A 290 10.16 -10.35 -33.61
N ASN A 291 11.16 -10.91 -32.91
CA ASN A 291 11.90 -12.06 -33.37
C ASN A 291 11.10 -13.31 -33.06
N LYS A 292 11.01 -14.20 -34.05
CA LYS A 292 10.20 -15.40 -33.96
C LYS A 292 11.06 -16.52 -33.39
N VAL A 293 11.26 -16.43 -32.08
CA VAL A 293 12.12 -17.32 -31.32
C VAL A 293 11.54 -18.74 -31.35
N ARG A 294 10.26 -18.88 -30.95
CA ARG A 294 9.62 -20.18 -30.62
C ARG A 294 10.44 -20.91 -29.54
N ALA A 295 10.39 -20.38 -28.31
CA ALA A 295 11.20 -20.89 -27.19
C ALA A 295 10.77 -22.32 -26.83
N LYS A 296 11.59 -22.98 -26.00
CA LYS A 296 11.43 -24.42 -25.69
C LYS A 296 10.09 -24.63 -24.94
N ALA A 297 9.69 -23.64 -24.14
CA ALA A 297 8.38 -23.62 -23.47
C ALA A 297 8.12 -22.21 -22.91
N SER A 298 7.01 -21.60 -23.30
CA SER A 298 6.57 -20.28 -22.81
C SER A 298 7.60 -19.21 -23.17
N SER A 299 7.37 -18.00 -22.66
CA SER A 299 8.40 -17.00 -22.43
C SER A 299 8.05 -16.24 -21.13
N LYS A 300 7.24 -15.18 -21.26
CA LYS A 300 6.80 -14.27 -20.18
C LYS A 300 7.81 -13.11 -20.03
N MET A 301 7.46 -11.96 -20.61
CA MET A 301 8.34 -10.83 -20.75
C MET A 301 7.66 -9.56 -20.25
N TYR A 302 8.47 -8.59 -19.79
CA TYR A 302 7.97 -7.41 -19.14
C TYR A 302 8.62 -6.15 -19.71
N LEU A 303 7.92 -5.02 -19.57
CA LEU A 303 8.44 -3.71 -19.88
C LEU A 303 7.52 -2.68 -19.26
N LYS A 304 8.04 -1.47 -19.07
CA LYS A 304 7.27 -0.34 -18.68
C LYS A 304 6.94 0.44 -19.95
N THR A 305 6.00 1.38 -19.85
CA THR A 305 5.53 2.19 -20.98
C THR A 305 5.01 3.51 -20.42
N ARG A 306 4.81 4.47 -21.32
CA ARG A 306 4.18 5.73 -21.01
C ARG A 306 2.65 5.55 -21.05
N SER A 307 1.92 6.61 -20.70
CA SER A 307 0.47 6.66 -20.71
C SER A 307 -0.09 7.02 -22.10
N GLN A 308 0.54 7.97 -22.79
CA GLN A 308 0.10 8.42 -24.11
C GLN A 308 1.00 7.76 -25.17
N MET A 309 0.82 8.12 -26.45
CA MET A 309 1.51 7.46 -27.55
C MET A 309 3.00 7.62 -27.29
N PRO A 310 3.87 7.89 -28.28
CA PRO A 310 5.14 7.15 -28.43
C PRO A 310 5.41 5.92 -27.54
N TYR A 311 5.00 5.92 -26.27
CA TYR A 311 4.87 4.70 -25.43
C TYR A 311 6.22 4.18 -24.94
N LYS A 312 7.20 4.06 -25.85
CA LYS A 312 8.53 3.57 -25.50
C LYS A 312 9.11 4.37 -24.34
N VAL A 313 9.81 3.62 -23.49
CA VAL A 313 10.48 4.08 -22.33
C VAL A 313 11.86 3.41 -22.31
N PHE A 314 12.81 4.04 -21.62
CA PHE A 314 14.16 3.48 -21.39
C PHE A 314 14.28 2.97 -19.96
N HIS A 315 14.86 1.77 -19.83
CA HIS A 315 15.03 1.04 -18.57
C HIS A 315 16.48 1.09 -18.13
N TYR A 316 16.68 1.41 -16.84
CA TYR A 316 17.97 1.29 -16.17
C TYR A 316 17.79 0.61 -14.81
N GLN A 317 18.80 -0.16 -14.41
CA GLN A 317 18.97 -0.65 -13.05
C GLN A 317 20.02 0.22 -12.35
N VAL A 318 19.76 0.61 -11.11
CA VAL A 318 20.67 1.42 -10.32
C VAL A 318 21.05 0.65 -9.06
N LYS A 319 22.35 0.54 -8.79
CA LYS A 319 22.87 -0.03 -7.53
C LYS A 319 23.63 1.06 -6.76
N ILE A 320 23.26 1.18 -5.49
CA ILE A 320 23.87 2.13 -4.58
C ILE A 320 24.21 1.39 -3.28
N HIS A 321 25.50 1.46 -2.91
CA HIS A 321 26.01 1.03 -1.64
C HIS A 321 26.11 2.26 -0.74
N PHE A 322 25.34 2.23 0.35
CA PHE A 322 25.27 3.34 1.29
C PHE A 322 26.30 3.09 2.40
N SER A 323 27.35 3.90 2.45
CA SER A 323 28.47 3.64 3.36
C SER A 323 28.46 4.66 4.49
N GLY A 324 29.04 4.28 5.65
CA GLY A 324 29.22 5.16 6.84
C GLY A 324 29.85 4.41 8.01
N THR A 325 30.49 5.14 8.94
CA THR A 325 31.06 4.49 10.12
C THR A 325 29.94 4.16 11.12
N GLU A 326 29.01 5.11 11.29
CA GLU A 326 27.84 5.06 12.18
C GLU A 326 26.70 4.21 11.57
N SER A 327 25.93 3.53 12.43
CA SER A 327 25.07 2.40 12.03
C SER A 327 23.58 2.72 12.28
N GLU A 328 22.94 3.42 11.31
CA GLU A 328 21.50 3.73 11.36
C GLU A 328 20.74 2.98 10.27
N THR A 329 19.44 2.81 10.48
CA THR A 329 18.49 2.45 9.42
C THR A 329 17.48 3.60 9.26
N HIS A 330 16.89 3.67 8.07
CA HIS A 330 15.77 4.53 7.79
C HIS A 330 14.76 3.70 7.00
N THR A 331 13.51 4.19 6.90
CA THR A 331 12.41 3.43 6.32
C THR A 331 11.64 4.32 5.34
N ASN A 332 10.91 3.68 4.43
CA ASN A 332 10.20 4.31 3.31
C ASN A 332 10.76 5.72 3.03
N GLN A 333 12.03 5.77 2.62
CA GLN A 333 12.76 6.99 2.32
C GLN A 333 12.60 7.31 0.82
N ALA A 334 12.54 8.61 0.51
CA ALA A 334 12.22 9.12 -0.83
C ALA A 334 13.43 9.83 -1.44
N PHE A 335 13.62 9.57 -2.73
CA PHE A 335 14.81 9.91 -3.47
C PHE A 335 14.46 10.44 -4.86
N GLU A 336 15.21 11.45 -5.30
CA GLU A 336 15.19 11.90 -6.70
C GLU A 336 16.54 11.57 -7.33
N ILE A 337 16.50 11.07 -8.56
CA ILE A 337 17.71 10.80 -9.33
C ILE A 337 17.58 11.52 -10.67
N SER A 338 18.68 12.14 -11.10
CA SER A 338 18.71 12.91 -12.33
C SER A 338 19.80 12.36 -13.27
N LEU A 339 19.40 12.08 -14.52
CA LEU A 339 20.30 11.48 -15.53
C LEU A 339 20.64 12.53 -16.61
N TYR A 340 21.94 12.69 -16.85
CA TYR A 340 22.41 13.61 -17.87
C TYR A 340 23.27 12.86 -18.89
N GLY A 341 22.85 12.93 -20.15
CA GLY A 341 23.53 12.25 -21.23
C GLY A 341 23.93 13.19 -22.34
N THR A 342 24.49 12.60 -23.41
CA THR A 342 25.03 13.35 -24.52
C THR A 342 23.92 14.08 -25.26
N VAL A 343 22.75 13.44 -25.34
CA VAL A 343 21.60 13.94 -26.14
C VAL A 343 20.64 14.77 -25.29
N ALA A 344 20.27 14.28 -24.11
CA ALA A 344 19.28 14.96 -23.30
C ALA A 344 19.54 14.67 -21.82
N GLU A 345 18.59 15.09 -20.98
CA GLU A 345 18.59 14.86 -19.55
C GLU A 345 17.16 14.53 -19.13
N SER A 346 16.99 13.76 -18.04
CA SER A 346 15.72 13.82 -17.28
C SER A 346 16.06 13.95 -15.79
N GLU A 347 15.58 15.07 -15.25
CA GLU A 347 15.85 15.49 -13.93
C GLU A 347 14.70 15.00 -13.04
N ASN A 348 15.03 14.72 -11.78
CA ASN A 348 14.09 14.61 -10.66
C ASN A 348 13.14 13.44 -10.85
N ILE A 349 13.69 12.29 -11.26
CA ILE A 349 12.95 11.05 -11.27
C ILE A 349 12.76 10.57 -9.84
N PRO A 350 11.51 10.45 -9.33
CA PRO A 350 11.29 9.94 -7.98
C PRO A 350 11.43 8.40 -7.89
N PHE A 351 11.87 7.95 -6.72
CA PHE A 351 11.79 6.57 -6.30
C PHE A 351 11.91 6.51 -4.77
N THR A 352 11.47 5.39 -4.19
CA THR A 352 11.57 5.22 -2.75
C THR A 352 12.16 3.84 -2.45
N LEU A 353 12.73 3.73 -1.24
CA LEU A 353 13.35 2.51 -0.81
C LEU A 353 12.70 2.08 0.50
N PRO A 354 12.20 0.83 0.56
CA PRO A 354 11.68 0.25 1.80
C PRO A 354 12.50 0.65 3.03
N GLU A 355 13.82 0.50 2.93
CA GLU A 355 14.73 0.90 4.01
C GLU A 355 16.10 1.27 3.43
N VAL A 356 16.85 2.06 4.20
CA VAL A 356 18.18 2.50 3.87
C VAL A 356 19.04 2.37 5.13
N SER A 357 19.92 1.35 5.15
CA SER A 357 20.80 1.07 6.30
C SER A 357 22.27 1.15 5.86
N THR A 358 23.17 1.37 6.82
CA THR A 358 24.59 1.61 6.52
C THR A 358 25.29 0.31 6.06
N ASN A 359 26.22 0.47 5.12
CA ASN A 359 27.05 -0.56 4.52
C ASN A 359 26.20 -1.70 3.94
N LYS A 360 25.11 -1.33 3.27
CA LYS A 360 24.26 -2.23 2.51
C LYS A 360 24.09 -1.64 1.11
N THR A 361 23.73 -2.51 0.19
CA THR A 361 23.55 -2.13 -1.20
C THR A 361 22.10 -2.43 -1.60
N TYR A 362 21.50 -1.47 -2.32
CA TYR A 362 20.16 -1.57 -2.81
C TYR A 362 20.20 -1.38 -4.33
N SER A 363 19.54 -2.30 -5.03
CA SER A 363 19.31 -2.29 -6.47
C SER A 363 17.90 -1.74 -6.72
N PHE A 364 17.62 -1.17 -7.91
CA PHE A 364 16.24 -0.72 -8.20
C PHE A 364 16.06 -0.27 -9.65
N LEU A 365 14.82 -0.37 -10.16
CA LEU A 365 14.47 0.03 -11.54
C LEU A 365 14.20 1.54 -11.61
N ILE A 366 14.84 2.22 -12.56
CA ILE A 366 14.50 3.57 -13.02
C ILE A 366 14.07 3.41 -14.49
N TYR A 367 13.04 4.13 -14.93
CA TYR A 367 12.72 4.19 -16.36
C TYR A 367 12.36 5.63 -16.68
N THR A 368 12.49 6.01 -17.96
CA THR A 368 12.28 7.41 -18.38
C THR A 368 11.85 7.45 -19.85
N GLU A 369 10.94 8.37 -20.15
CA GLU A 369 10.48 8.59 -21.48
C GLU A 369 11.62 9.20 -22.30
N VAL A 370 12.59 9.85 -21.63
CA VAL A 370 13.57 10.65 -22.34
C VAL A 370 14.70 9.76 -22.87
N ASP A 371 14.96 9.90 -24.17
CA ASP A 371 16.18 9.39 -24.79
C ASP A 371 17.36 10.29 -24.37
N ILE A 372 18.08 9.82 -23.35
CA ILE A 372 19.19 10.52 -22.71
C ILE A 372 20.41 10.57 -23.64
N GLY A 373 20.65 9.52 -24.43
CA GLY A 373 21.94 9.29 -25.09
C GLY A 373 22.87 8.52 -24.17
N GLU A 374 24.19 8.62 -24.34
CA GLU A 374 25.15 7.99 -23.41
C GLU A 374 25.18 8.81 -22.13
N LEU A 375 25.20 8.12 -20.98
CA LEU A 375 25.19 8.75 -19.67
C LEU A 375 26.54 9.42 -19.40
N LEU A 376 26.51 10.57 -18.72
CA LEU A 376 27.70 11.33 -18.39
C LEU A 376 27.74 11.65 -16.90
N MET A 377 26.64 12.23 -16.41
CA MET A 377 26.51 12.66 -15.04
C MET A 377 25.18 12.18 -14.47
N LEU A 378 25.19 11.99 -13.16
CA LEU A 378 24.11 11.39 -12.41
C LEU A 378 24.04 12.08 -11.05
N LYS A 379 22.89 12.69 -10.73
CA LYS A 379 22.73 13.44 -9.45
C LYS A 379 21.72 12.72 -8.56
N LEU A 380 22.03 12.62 -7.27
CA LEU A 380 21.17 11.94 -6.33
C LEU A 380 20.77 12.91 -5.21
N LYS A 381 19.46 12.96 -4.93
CA LYS A 381 18.86 13.81 -3.89
C LYS A 381 18.10 12.92 -2.91
N TRP A 382 18.43 13.07 -1.63
CA TRP A 382 17.72 12.44 -0.55
C TRP A 382 16.67 13.42 -0.01
N LYS A 383 15.39 13.15 -0.30
CA LYS A 383 14.29 14.02 0.10
C LYS A 383 13.97 13.77 1.57
N SER A 384 13.69 14.84 2.33
CA SER A 384 13.12 14.69 3.68
C SER A 384 11.66 14.22 3.58
N ASP A 385 11.15 13.64 4.68
CA ASP A 385 9.87 12.88 4.64
C ASP A 385 8.68 13.86 4.80
N SER A 386 7.67 13.71 3.92
CA SER A 386 6.35 14.38 4.07
C SER A 386 5.73 14.05 5.43
N SER A 395 17.78 15.02 15.06
CA SER A 395 18.16 14.24 13.87
C SER A 395 19.41 14.88 13.20
N SER A 396 19.85 14.29 12.05
CA SER A 396 20.85 14.85 11.06
C SER A 396 21.54 13.76 10.22
N PRO A 397 20.81 12.99 9.37
CA PRO A 397 21.35 11.76 8.76
C PRO A 397 21.82 11.78 7.28
N GLY A 398 23.03 11.24 7.05
CA GLY A 398 23.62 11.08 5.70
C GLY A 398 24.73 10.04 5.60
N PHE A 399 24.86 9.45 4.40
CA PHE A 399 25.89 8.46 4.08
C PHE A 399 26.95 9.04 3.15
N ALA A 400 28.08 8.32 3.02
CA ALA A 400 29.10 8.59 1.98
C ALA A 400 28.93 7.58 0.84
N ILE A 401 28.81 8.10 -0.38
CA ILE A 401 28.72 7.27 -1.58
C ILE A 401 29.92 7.66 -2.47
N GLN A 402 30.68 6.64 -2.88
CA GLN A 402 31.85 6.85 -3.74
C GLN A 402 31.43 6.64 -5.19
N LYS A 403 30.80 5.48 -5.46
CA LYS A 403 30.43 5.08 -6.82
C LYS A 403 28.94 4.73 -6.87
N ILE A 404 28.33 4.89 -8.05
CA ILE A 404 27.00 4.37 -8.36
C ILE A 404 27.11 3.54 -9.64
N ARG A 405 26.50 2.34 -9.65
CA ARG A 405 26.48 1.48 -10.83
C ARG A 405 25.10 1.55 -11.52
N VAL A 406 25.11 1.61 -12.86
CA VAL A 406 23.88 1.67 -13.63
C VAL A 406 23.98 0.68 -14.79
N LYS A 407 22.95 -0.13 -15.00
CA LYS A 407 22.92 -1.01 -16.15
C LYS A 407 21.78 -0.53 -17.03
N ALA A 408 22.05 -0.35 -18.33
CA ALA A 408 21.09 0.18 -19.27
C ALA A 408 20.60 -0.97 -20.14
N GLY A 409 19.27 -1.13 -20.15
CA GLY A 409 18.61 -2.27 -20.80
C GLY A 409 18.71 -2.22 -22.32
N GLU A 410 18.40 -1.04 -22.89
CA GLU A 410 18.30 -0.88 -24.32
C GLU A 410 19.69 -0.86 -24.99
N THR A 411 20.74 -0.46 -24.28
CA THR A 411 22.08 -0.36 -24.88
C THR A 411 23.05 -1.41 -24.31
N GLN A 412 22.52 -2.35 -23.53
CA GLN A 412 23.28 -3.42 -22.85
C GLN A 412 24.69 -2.95 -22.41
N LYS A 413 24.72 -1.85 -21.63
CA LYS A 413 25.94 -1.28 -21.12
C LYS A 413 25.84 -1.13 -19.60
N LYS A 414 26.93 -1.50 -18.92
CA LYS A 414 27.11 -1.23 -17.53
C LYS A 414 28.02 -0.02 -17.39
N VAL A 415 27.57 0.95 -16.59
CA VAL A 415 28.26 2.19 -16.40
C VAL A 415 28.53 2.39 -14.91
N ILE A 416 29.72 2.88 -14.58
CA ILE A 416 30.04 3.24 -13.23
C ILE A 416 30.24 4.76 -13.19
N PHE A 417 29.66 5.39 -12.16
CA PHE A 417 29.89 6.78 -11.88
C PHE A 417 30.63 6.87 -10.55
N CYS A 418 31.54 7.82 -10.45
CA CYS A 418 32.10 8.04 -9.16
C CYS A 418 32.12 9.55 -8.89
N SER A 419 32.26 9.87 -7.60
CA SER A 419 32.22 11.23 -7.15
C SER A 419 33.45 11.97 -7.66
N ARG A 420 33.27 13.23 -8.03
CA ARG A 420 34.37 14.06 -8.47
C ARG A 420 35.45 14.05 -7.37
N GLU A 421 35.05 14.15 -6.10
CA GLU A 421 35.95 14.07 -4.90
C GLU A 421 35.88 12.65 -4.32
N LYS A 422 36.63 12.35 -3.26
CA LYS A 422 36.85 10.95 -2.83
C LYS A 422 35.54 10.30 -2.34
N VAL A 423 34.64 11.09 -1.75
CA VAL A 423 33.24 10.65 -1.46
C VAL A 423 32.27 11.80 -1.72
N SER A 424 31.08 11.47 -2.24
CA SER A 424 29.96 12.37 -2.26
C SER A 424 29.09 12.10 -1.02
N HIS A 425 28.93 13.13 -0.19
CA HIS A 425 28.07 13.06 1.01
C HIS A 425 26.60 13.23 0.60
N LEU A 426 25.79 12.20 0.87
CA LEU A 426 24.33 12.24 0.68
C LEU A 426 23.65 12.51 2.03
N GLN A 427 23.16 13.74 2.20
CA GLN A 427 22.59 14.24 3.45
C GLN A 427 21.12 14.57 3.23
N LYS A 428 20.21 13.78 3.83
CA LYS A 428 18.73 13.96 3.76
C LYS A 428 18.34 15.46 3.82
N GLY A 429 17.55 15.88 2.81
CA GLY A 429 17.00 17.22 2.70
C GLY A 429 18.04 18.28 2.36
N LYS A 430 19.17 17.90 1.77
CA LYS A 430 20.20 18.88 1.40
C LYS A 430 20.59 18.71 -0.09
N ALA A 431 21.67 19.43 -0.46
CA ALA A 431 22.26 19.47 -1.81
C ALA A 431 22.36 18.07 -2.40
N PRO A 432 22.08 17.87 -3.70
CA PRO A 432 22.19 16.54 -4.30
C PRO A 432 23.68 16.19 -4.46
N ALA A 433 24.01 14.92 -4.17
CA ALA A 433 25.29 14.29 -4.43
C ALA A 433 25.49 14.12 -5.95
N VAL A 434 26.69 14.44 -6.45
CA VAL A 434 26.98 14.46 -7.90
C VAL A 434 28.00 13.35 -8.23
N PHE A 435 27.73 12.59 -9.29
CA PHE A 435 28.64 11.57 -9.78
C PHE A 435 28.83 11.71 -11.30
N VAL A 436 30.07 11.49 -11.75
CA VAL A 436 30.41 11.52 -13.17
C VAL A 436 30.90 10.14 -13.61
N LYS A 437 30.69 9.79 -14.88
CA LYS A 437 31.03 8.48 -15.41
C LYS A 437 32.56 8.28 -15.32
N CYS A 438 32.98 7.13 -14.78
CA CYS A 438 34.39 6.77 -14.73
C CYS A 438 34.67 5.41 -15.38
N HIS A 439 33.65 4.70 -15.85
CA HIS A 439 33.87 3.39 -16.49
C HIS A 439 32.62 2.92 -17.24
N ASP A 440 32.87 2.15 -18.31
CA ASP A 440 31.91 1.64 -19.31
C ASP A 440 32.20 0.16 -19.58
N LYS A 441 31.17 -0.62 -19.91
CA LYS A 441 31.33 -2.01 -20.32
C LYS A 441 30.10 -2.41 -21.12
N SER A 442 30.28 -3.28 -22.13
CA SER A 442 29.19 -3.82 -22.97
C SER A 442 28.90 -5.28 -22.62
N LEU A 443 27.75 -5.81 -23.08
CA LEU A 443 27.40 -7.24 -22.90
C LEU A 443 26.46 -7.68 -24.03
N ARG B 5 16.34 27.45 55.55
CA ARG B 5 16.49 26.86 54.19
C ARG B 5 16.58 28.01 53.17
N ASP B 6 17.02 27.66 51.96
CA ASP B 6 17.66 28.50 50.91
C ASP B 6 19.14 28.08 50.76
N PHE B 7 19.42 26.82 51.14
CA PHE B 7 20.25 25.90 50.40
C PHE B 7 19.43 25.36 49.20
N ILE B 8 18.77 26.26 48.47
CA ILE B 8 17.75 25.89 47.49
C ILE B 8 17.76 26.97 46.38
N ASP B 9 18.85 26.97 45.57
CA ASP B 9 19.15 27.88 44.40
C ASP B 9 18.14 27.66 43.24
N ILE B 10 17.92 26.37 42.88
CA ILE B 10 16.95 25.74 41.94
C ILE B 10 16.38 26.71 40.89
N GLU B 11 16.52 26.35 39.61
CA GLU B 11 16.08 27.21 38.49
C GLU B 11 14.58 27.01 38.19
N SER B 12 14.07 25.78 38.30
CA SER B 12 12.65 25.53 37.96
C SER B 12 11.71 26.28 38.93
N LYS B 13 10.56 26.75 38.42
CA LYS B 13 9.52 27.38 39.26
C LYS B 13 8.31 26.43 39.40
N PHE B 14 7.50 26.63 40.44
CA PHE B 14 6.44 25.69 40.83
C PHE B 14 5.15 26.45 41.15
N ALA B 15 4.22 26.54 40.21
CA ALA B 15 2.99 27.34 40.40
C ALA B 15 1.87 26.42 40.87
N LEU B 16 1.12 26.82 41.90
CA LEU B 16 -0.08 26.10 42.30
C LEU B 16 -1.28 26.82 41.70
N ARG B 17 -1.89 26.20 40.68
CA ARG B 17 -3.04 26.81 40.00
C ARG B 17 -4.30 26.40 40.76
N THR B 18 -5.46 26.89 40.35
CA THR B 18 -6.70 26.64 41.11
C THR B 18 -7.86 26.38 40.16
N PRO B 19 -8.98 25.78 40.62
CA PRO B 19 -10.08 25.41 39.71
C PRO B 19 -10.68 26.63 39.02
N GLU B 20 -10.61 27.79 39.69
CA GLU B 20 -10.81 29.08 39.07
C GLU B 20 -9.38 29.52 38.77
N ASP B 21 -9.10 30.19 37.65
CA ASP B 21 -7.70 30.63 37.36
C ASP B 21 -6.79 29.41 37.09
N THR B 22 -7.00 28.81 35.92
CA THR B 22 -6.27 27.60 35.52
C THR B 22 -5.22 27.94 34.46
N ALA B 23 -5.16 29.21 34.04
CA ALA B 23 -4.40 29.65 32.89
C ALA B 23 -3.06 30.23 33.32
N GLU B 24 -3.07 31.22 34.21
CA GLU B 24 -1.86 31.93 34.65
C GLU B 24 -1.20 31.19 35.83
N ASP B 25 0.09 31.46 36.06
CA ASP B 25 0.83 31.02 37.24
C ASP B 25 0.82 32.14 38.31
N THR B 26 -0.32 32.32 38.99
CA THR B 26 -0.46 33.49 39.84
C THR B 26 0.21 33.24 41.20
N CYS B 27 0.17 32.02 41.74
CA CYS B 27 0.77 31.73 43.07
C CYS B 27 1.88 30.69 42.96
N HIS B 28 3.10 31.04 43.41
CA HIS B 28 4.28 30.15 43.38
C HIS B 28 4.57 29.56 44.76
N LEU B 29 4.94 28.28 44.75
CA LEU B 29 5.48 27.57 45.89
C LEU B 29 6.98 27.66 45.76
N ILE B 30 7.60 28.40 46.67
CA ILE B 30 9.03 28.67 46.61
C ILE B 30 9.72 27.71 47.56
N PRO B 31 10.48 26.72 47.04
CA PRO B 31 11.11 25.72 47.89
C PRO B 31 12.10 26.44 48.80
N GLY B 32 12.19 25.97 50.06
CA GLY B 32 12.95 26.64 51.12
C GLY B 32 12.17 27.74 51.83
N VAL B 33 10.92 28.03 51.42
CA VAL B 33 10.12 29.10 52.02
C VAL B 33 8.76 28.52 52.43
N ALA B 34 8.70 27.94 53.64
CA ALA B 34 7.54 27.21 54.08
C ALA B 34 6.28 28.10 54.07
N GLU B 35 6.46 29.41 54.18
CA GLU B 35 5.32 30.34 54.33
C GLU B 35 4.60 30.49 53.00
N SER B 36 5.31 30.23 51.88
CA SER B 36 4.74 30.27 50.52
C SER B 36 3.62 29.25 50.35
N VAL B 37 3.81 28.05 50.94
CA VAL B 37 2.86 26.96 50.85
C VAL B 37 1.52 27.41 51.44
N ALA B 38 1.60 28.12 52.57
CA ALA B 38 0.42 28.68 53.23
C ALA B 38 -0.17 29.81 52.38
N THR B 39 0.67 30.73 51.88
CA THR B 39 0.21 31.83 51.03
C THR B 39 -0.69 31.29 49.91
N CYS B 40 -0.24 30.20 49.28
CA CYS B 40 -0.85 29.62 48.09
C CYS B 40 -2.02 28.69 48.42
N HIS B 41 -2.21 28.37 49.71
CA HIS B 41 -3.31 27.54 50.15
C HIS B 41 -3.19 26.10 49.64
N PHE B 42 -1.97 25.55 49.64
CA PHE B 42 -1.78 24.13 49.36
C PHE B 42 -2.53 23.29 50.39
N ASN B 43 -3.29 22.30 49.93
CA ASN B 43 -4.13 21.47 50.80
C ASN B 43 -3.36 20.20 51.18
N HIS B 44 -2.91 20.13 52.44
CA HIS B 44 -2.03 19.05 52.92
C HIS B 44 -2.79 17.73 53.04
N SER B 45 -4.13 17.79 52.98
CA SER B 45 -4.95 16.61 53.13
C SER B 45 -5.65 16.35 51.79
N SER B 46 -4.88 15.80 50.84
CA SER B 46 -5.36 15.55 49.50
C SER B 46 -4.17 15.54 48.55
N LYS B 47 -4.42 14.90 47.40
CA LYS B 47 -3.42 14.43 46.47
C LYS B 47 -2.87 15.62 45.70
N THR B 48 -1.72 15.41 45.07
CA THR B 48 -1.02 16.46 44.35
C THR B 48 -0.63 15.95 42.95
N PHE B 49 -1.09 16.68 41.93
CA PHE B 49 -0.66 16.52 40.57
C PHE B 49 0.45 17.52 40.25
N MET B 50 1.55 17.04 39.65
CA MET B 50 2.56 17.95 39.13
C MET B 50 2.66 17.81 37.61
N VAL B 51 2.35 18.89 36.88
CA VAL B 51 2.34 18.91 35.43
C VAL B 51 3.66 19.47 34.90
N ILE B 52 4.36 18.61 34.14
CA ILE B 52 5.69 18.94 33.60
C ILE B 52 5.63 18.99 32.06
N HIS B 53 5.62 20.22 31.52
CA HIS B 53 5.58 20.50 30.07
C HIS B 53 6.82 19.92 29.37
N GLY B 54 6.85 19.99 28.03
CA GLY B 54 7.98 19.58 27.23
C GLY B 54 8.68 20.76 26.54
N TRP B 55 9.22 20.51 25.35
CA TRP B 55 10.06 21.46 24.63
C TRP B 55 9.19 22.58 24.08
N THR B 56 9.68 23.82 24.02
CA THR B 56 8.88 24.93 23.55
C THR B 56 9.75 25.96 22.83
N VAL B 57 9.58 26.10 21.52
CA VAL B 57 10.43 27.02 20.73
C VAL B 57 10.17 28.48 21.12
N THR B 58 8.96 28.76 21.60
CA THR B 58 8.56 30.11 21.91
C THR B 58 8.89 30.43 23.37
N GLY B 59 9.17 29.44 24.21
CA GLY B 59 9.42 29.72 25.64
C GLY B 59 8.16 30.10 26.41
N MET B 60 7.01 29.91 25.78
CA MET B 60 5.74 30.06 26.44
C MET B 60 5.09 28.69 26.61
N TYR B 61 4.08 28.64 27.49
CA TYR B 61 3.23 27.47 27.66
C TYR B 61 2.39 27.33 26.39
N GLU B 62 2.22 26.07 25.94
CA GLU B 62 1.26 25.69 24.92
C GLU B 62 -0.17 25.73 25.50
N SER B 63 -1.18 25.72 24.62
CA SER B 63 -2.56 25.97 25.03
C SER B 63 -3.19 24.75 25.74
N TRP B 64 -2.51 23.61 25.73
CA TRP B 64 -3.02 22.43 26.35
C TRP B 64 -2.88 22.51 27.88
N VAL B 65 -2.00 23.40 28.37
CA VAL B 65 -1.67 23.39 29.81
C VAL B 65 -2.89 23.78 30.64
N PRO B 66 -3.59 24.90 30.34
CA PRO B 66 -4.84 25.23 31.02
C PRO B 66 -5.92 24.14 30.90
N LYS B 67 -5.97 23.47 29.75
CA LYS B 67 -6.95 22.42 29.53
C LYS B 67 -6.72 21.24 30.49
N LEU B 68 -5.48 20.77 30.59
CA LEU B 68 -5.17 19.64 31.48
C LEU B 68 -5.39 20.04 32.95
N VAL B 69 -4.97 21.26 33.33
CA VAL B 69 -5.14 21.74 34.69
C VAL B 69 -6.63 21.74 35.05
N ALA B 70 -7.45 22.26 34.12
CA ALA B 70 -8.88 22.44 34.34
C ALA B 70 -9.57 21.07 34.44
N ALA B 71 -9.12 20.12 33.64
CA ALA B 71 -9.72 18.80 33.64
C ALA B 71 -9.39 18.11 34.96
N LEU B 72 -8.12 18.23 35.41
CA LEU B 72 -7.69 17.61 36.66
C LEU B 72 -8.56 18.14 37.81
N TYR B 73 -8.85 19.44 37.80
CA TYR B 73 -9.63 20.09 38.87
C TYR B 73 -11.13 19.75 38.76
N LYS B 74 -11.61 19.48 37.55
CA LYS B 74 -12.99 19.06 37.38
C LYS B 74 -13.15 17.69 38.04
N ARG B 75 -12.24 16.77 37.70
CA ARG B 75 -12.26 15.38 38.17
C ARG B 75 -11.90 15.29 39.66
N GLU B 76 -11.10 16.25 40.16
CA GLU B 76 -10.51 16.20 41.52
C GLU B 76 -10.52 17.60 42.12
N PRO B 77 -11.71 18.12 42.49
CA PRO B 77 -11.86 19.54 42.82
C PRO B 77 -11.18 19.95 44.14
N ASP B 78 -10.72 18.97 44.92
CA ASP B 78 -10.13 19.22 46.23
C ASP B 78 -8.62 19.00 46.19
N SER B 79 -8.08 18.71 45.00
CA SER B 79 -6.69 18.34 44.85
C SER B 79 -5.80 19.58 44.76
N ASN B 80 -4.49 19.36 44.68
CA ASN B 80 -3.54 20.41 44.38
C ASN B 80 -2.92 20.15 43.01
N VAL B 81 -3.07 21.11 42.09
CA VAL B 81 -2.45 21.00 40.76
C VAL B 81 -1.31 22.01 40.67
N ILE B 82 -0.08 21.49 40.71
CA ILE B 82 1.12 22.27 40.57
C ILE B 82 1.61 22.16 39.12
N VAL B 83 1.75 23.30 38.45
CA VAL B 83 2.41 23.39 37.14
C VAL B 83 3.90 23.71 37.33
N VAL B 84 4.78 22.81 36.87
CA VAL B 84 6.24 23.03 36.86
C VAL B 84 6.62 23.84 35.61
N ASP B 85 7.36 24.91 35.85
CA ASP B 85 7.86 25.80 34.82
C ASP B 85 9.38 25.60 34.64
N TRP B 86 9.77 25.01 33.51
CA TRP B 86 11.16 25.01 33.06
C TRP B 86 11.24 25.59 31.64
N LEU B 87 10.40 26.59 31.35
CA LEU B 87 10.27 27.15 30.00
C LEU B 87 11.61 27.60 29.42
N SER B 88 12.45 28.16 30.29
CA SER B 88 13.72 28.72 29.93
C SER B 88 14.65 27.65 29.37
N ARG B 89 14.71 26.50 30.05
CA ARG B 89 15.58 25.43 29.65
C ARG B 89 14.98 24.66 28.48
N ALA B 90 13.66 24.76 28.34
CA ALA B 90 12.89 24.06 27.31
C ALA B 90 12.94 24.84 26.00
N GLN B 91 13.53 26.04 26.03
CA GLN B 91 13.58 26.87 24.83
C GLN B 91 14.94 26.74 24.13
N GLU B 92 15.76 25.76 24.48
CA GLU B 92 17.08 25.64 23.89
C GLU B 92 16.95 24.82 22.61
N HIS B 93 18.08 24.58 21.94
CA HIS B 93 18.13 23.58 20.89
C HIS B 93 17.82 22.23 21.54
N TYR B 94 17.26 21.31 20.76
CA TYR B 94 16.63 20.12 21.32
C TYR B 94 17.61 19.33 22.18
N PRO B 95 18.84 19.03 21.72
CA PRO B 95 19.72 18.15 22.48
C PRO B 95 20.11 18.77 23.82
N VAL B 96 20.30 20.09 23.84
CA VAL B 96 20.50 20.87 25.05
C VAL B 96 19.27 20.70 25.98
N SER B 97 18.08 21.10 25.52
CA SER B 97 16.81 20.98 26.32
C SER B 97 16.61 19.56 26.85
N ALA B 98 16.97 18.57 26.03
CA ALA B 98 16.86 17.15 26.33
C ALA B 98 17.81 16.81 27.49
N GLY B 99 19.06 17.27 27.38
CA GLY B 99 20.04 17.17 28.47
C GLY B 99 19.55 17.79 29.77
N TYR B 100 18.84 18.91 29.67
CA TYR B 100 18.36 19.61 30.86
C TYR B 100 17.26 18.81 31.58
N THR B 101 16.76 17.70 31.01
CA THR B 101 15.72 16.94 31.71
C THR B 101 16.28 16.41 33.03
N LYS B 102 17.59 16.16 33.10
CA LYS B 102 18.30 15.73 34.35
C LYS B 102 18.19 16.81 35.44
N LEU B 103 18.44 18.07 35.06
CA LEU B 103 18.40 19.14 36.04
C LEU B 103 16.95 19.47 36.42
N VAL B 104 16.03 19.51 35.45
CA VAL B 104 14.63 19.80 35.79
C VAL B 104 14.09 18.71 36.73
N GLY B 105 14.52 17.47 36.51
CA GLY B 105 14.12 16.33 37.32
C GLY B 105 14.67 16.40 38.72
N GLN B 106 15.93 16.82 38.82
CA GLN B 106 16.60 16.97 40.12
C GLN B 106 15.94 18.12 40.90
N ASP B 107 15.58 19.22 40.20
CA ASP B 107 14.82 20.36 40.78
C ASP B 107 13.50 19.88 41.37
N VAL B 108 12.76 19.06 40.59
CA VAL B 108 11.44 18.56 40.99
C VAL B 108 11.57 17.61 42.20
N ALA B 109 12.63 16.78 42.22
CA ALA B 109 12.86 15.85 43.31
C ALA B 109 13.25 16.60 44.58
N ARG B 110 14.06 17.64 44.41
CA ARG B 110 14.46 18.48 45.54
C ARG B 110 13.19 19.10 46.15
N PHE B 111 12.34 19.67 45.29
CA PHE B 111 11.07 20.24 45.73
C PHE B 111 10.18 19.23 46.47
N ILE B 112 10.05 18.01 45.94
CA ILE B 112 9.12 17.03 46.52
C ILE B 112 9.68 16.56 47.87
N ASN B 113 10.99 16.30 47.90
CA ASN B 113 11.70 15.89 49.10
C ASN B 113 11.60 16.96 50.19
N TRP B 114 11.60 18.23 49.79
CA TRP B 114 11.40 19.34 50.71
C TRP B 114 9.99 19.28 51.28
N MET B 115 8.97 19.14 50.41
CA MET B 115 7.61 19.09 50.88
C MET B 115 7.43 17.94 51.87
N GLU B 116 8.22 16.87 51.71
CA GLU B 116 8.17 15.73 52.62
C GLU B 116 8.85 16.07 53.95
N GLU B 117 10.05 16.67 53.93
CA GLU B 117 10.82 16.97 55.16
C GLU B 117 10.13 18.09 55.97
N GLU B 118 9.66 19.15 55.29
CA GLU B 118 9.18 20.34 55.96
C GLU B 118 7.71 20.18 56.38
N PHE B 119 6.95 19.25 55.80
CA PHE B 119 5.51 19.22 56.08
C PHE B 119 4.96 17.80 56.31
N ASN B 120 5.84 16.80 56.46
CA ASN B 120 5.43 15.39 56.46
C ASN B 120 4.33 15.12 55.41
N TYR B 121 4.44 15.72 54.22
CA TYR B 121 3.51 15.45 53.15
C TYR B 121 3.88 14.11 52.53
N PRO B 122 2.92 13.16 52.40
CA PRO B 122 3.23 11.81 51.93
C PRO B 122 3.46 11.73 50.41
N LEU B 123 4.54 11.06 50.01
CA LEU B 123 4.91 11.02 48.61
C LEU B 123 3.98 10.05 47.85
N ASP B 124 3.30 9.15 48.56
CA ASP B 124 2.37 8.30 47.87
C ASP B 124 1.05 9.05 47.67
N ASN B 125 1.06 10.37 47.87
CA ASN B 125 -0.04 11.23 47.41
C ASN B 125 0.33 12.02 46.14
N VAL B 126 1.44 11.70 45.46
CA VAL B 126 1.94 12.53 44.32
C VAL B 126 1.83 11.77 42.99
N HIS B 127 1.16 12.40 42.02
CA HIS B 127 1.02 11.94 40.64
C HIS B 127 1.76 12.92 39.71
N LEU B 128 2.86 12.48 39.09
CA LEU B 128 3.57 13.34 38.11
C LEU B 128 3.01 13.10 36.70
N LEU B 129 2.67 14.17 35.97
CA LEU B 129 2.25 14.06 34.58
C LEU B 129 3.23 14.79 33.67
N GLY B 130 4.02 14.03 32.92
CA GLY B 130 5.01 14.65 32.03
C GLY B 130 4.65 14.44 30.58
N TYR B 131 4.70 15.52 29.82
CA TYR B 131 4.51 15.50 28.37
C TYR B 131 5.86 15.59 27.66
N SER B 132 6.11 14.68 26.71
CA SER B 132 7.24 14.80 25.79
C SER B 132 8.55 14.72 26.60
N LEU B 133 9.41 15.75 26.54
CA LEU B 133 10.62 15.84 27.39
C LEU B 133 10.25 15.77 28.87
N GLY B 134 9.11 16.40 29.22
CA GLY B 134 8.57 16.41 30.55
C GLY B 134 8.43 15.01 31.14
N ALA B 135 8.12 14.03 30.29
CA ALA B 135 7.91 12.67 30.77
C ALA B 135 9.19 12.13 31.38
N HIS B 136 10.32 12.46 30.75
CA HIS B 136 11.64 12.00 31.20
C HIS B 136 12.08 12.82 32.42
N ALA B 137 11.74 14.11 32.43
CA ALA B 137 12.04 14.92 33.63
C ALA B 137 11.33 14.29 34.85
N ALA B 138 10.06 13.89 34.66
CA ALA B 138 9.25 13.26 35.68
C ALA B 138 9.84 11.90 36.09
N GLY B 139 10.36 11.17 35.11
CA GLY B 139 10.99 9.88 35.39
C GLY B 139 12.19 10.02 36.30
N ILE B 140 13.06 10.98 35.97
CA ILE B 140 14.29 11.23 36.71
C ILE B 140 13.96 11.75 38.11
N ALA B 141 12.95 12.63 38.20
CA ALA B 141 12.54 13.16 39.50
C ALA B 141 12.12 11.99 40.40
N GLY B 142 11.24 11.14 39.87
CA GLY B 142 10.73 9.99 40.60
C GLY B 142 11.84 9.09 41.11
N SER B 143 12.97 9.08 40.40
CA SER B 143 14.09 8.22 40.72
C SER B 143 14.98 8.86 41.79
N LEU B 144 14.71 10.10 42.17
CA LEU B 144 15.52 10.85 43.14
C LEU B 144 14.69 11.31 44.34
N THR B 145 13.43 10.89 44.44
CA THR B 145 12.66 11.19 45.62
C THR B 145 13.15 10.26 46.74
N ASN B 146 12.91 10.63 48.01
CA ASN B 146 13.41 9.91 49.16
C ASN B 146 12.65 8.58 49.28
N LYS B 147 11.33 8.67 49.24
CA LYS B 147 10.46 7.52 49.05
C LYS B 147 9.95 7.57 47.59
N LYS B 148 9.43 6.46 47.08
CA LYS B 148 8.91 6.39 45.74
C LYS B 148 7.56 7.08 45.67
N VAL B 149 7.43 7.91 44.64
CA VAL B 149 6.23 8.62 44.34
C VAL B 149 5.15 7.61 43.95
N ASN B 150 3.90 8.08 43.85
CA ASN B 150 2.73 7.19 43.71
C ASN B 150 2.56 6.72 42.26
N ARG B 151 2.29 7.68 41.35
CA ARG B 151 2.08 7.41 39.94
C ARG B 151 2.89 8.41 39.10
N ILE B 152 3.49 7.92 38.00
CA ILE B 152 3.94 8.80 36.88
C ILE B 152 3.14 8.42 35.65
N THR B 153 2.68 9.45 34.95
CA THR B 153 2.03 9.32 33.68
C THR B 153 2.88 10.01 32.61
N GLY B 154 3.32 9.20 31.63
CA GLY B 154 4.07 9.64 30.44
C GLY B 154 3.14 9.86 29.25
N LEU B 155 3.02 11.12 28.82
CA LEU B 155 2.23 11.49 27.66
C LEU B 155 3.16 11.71 26.47
N ASP B 156 3.24 10.70 25.59
CA ASP B 156 4.19 10.57 24.45
C ASP B 156 5.58 11.07 24.82
N PRO B 157 6.29 10.33 25.68
CA PRO B 157 7.66 10.64 26.03
C PRO B 157 8.51 10.81 24.75
N ALA B 158 9.46 11.76 24.81
CA ALA B 158 10.29 12.08 23.70
C ALA B 158 11.12 10.85 23.32
N GLY B 159 11.33 10.66 22.01
CA GLY B 159 12.07 9.53 21.47
C GLY B 159 13.55 9.84 21.24
N PRO B 160 13.89 10.92 20.50
CA PRO B 160 15.27 11.22 20.16
C PRO B 160 16.16 11.49 21.39
N ASN B 161 17.26 10.72 21.50
CA ASN B 161 18.19 10.70 22.63
C ASN B 161 17.61 9.99 23.88
N PHE B 162 16.40 9.42 23.84
CA PHE B 162 15.90 8.65 24.98
C PHE B 162 15.65 7.18 24.64
N GLU B 163 15.24 6.90 23.39
CA GLU B 163 14.93 5.56 22.89
C GLU B 163 15.97 4.52 23.36
N TYR B 164 17.27 4.87 23.21
CA TYR B 164 18.39 3.96 23.46
C TYR B 164 19.20 4.42 24.68
N ALA B 165 18.55 5.24 25.52
CA ALA B 165 19.09 5.69 26.78
C ALA B 165 18.73 4.67 27.86
N GLU B 166 19.55 4.65 28.93
CA GLU B 166 19.41 3.73 30.05
C GLU B 166 18.50 4.33 31.11
N ALA B 167 17.91 3.48 31.95
CA ALA B 167 16.73 3.85 32.75
C ALA B 167 17.02 5.12 33.54
N PRO B 168 18.18 5.26 34.21
CA PRO B 168 18.46 6.46 35.01
C PRO B 168 18.24 7.78 34.26
N SER B 169 18.36 7.75 32.93
CA SER B 169 18.33 8.94 32.07
C SER B 169 16.95 9.18 31.43
N ARG B 170 16.01 8.25 31.60
CA ARG B 170 14.69 8.37 31.00
C ARG B 170 13.62 7.85 31.96
N LEU B 171 12.35 8.02 31.55
CA LEU B 171 11.25 7.41 32.24
C LEU B 171 11.43 5.89 32.17
N SER B 172 11.18 5.24 33.30
CA SER B 172 11.25 3.80 33.35
C SER B 172 10.36 3.30 34.48
N PRO B 173 9.98 2.01 34.48
CA PRO B 173 9.00 1.52 35.45
C PRO B 173 9.42 1.66 36.92
N ASP B 174 10.73 1.72 37.17
CA ASP B 174 11.23 1.83 38.54
C ASP B 174 10.96 3.22 39.13
N ASP B 175 10.57 4.21 38.30
CA ASP B 175 10.62 5.62 38.70
C ASP B 175 9.43 6.00 39.61
N ALA B 176 8.42 5.14 39.67
CA ALA B 176 7.32 5.32 40.59
C ALA B 176 6.73 3.95 40.95
N ASP B 177 5.80 3.93 41.92
CA ASP B 177 5.07 2.70 42.26
C ASP B 177 4.27 2.23 41.05
N PHE B 178 3.86 3.17 40.19
CA PHE B 178 3.11 2.84 39.00
C PHE B 178 3.30 3.90 37.91
N VAL B 179 3.62 3.43 36.71
CA VAL B 179 4.01 4.26 35.58
C VAL B 179 3.14 3.85 34.40
N ASP B 180 2.36 4.79 33.86
CA ASP B 180 1.50 4.49 32.70
C ASP B 180 1.88 5.45 31.57
N VAL B 181 1.94 4.93 30.35
CA VAL B 181 2.48 5.69 29.25
C VAL B 181 1.51 5.59 28.07
N LEU B 182 1.21 6.74 27.44
CA LEU B 182 0.52 6.81 26.13
C LEU B 182 1.51 7.15 25.01
N HIS B 183 1.65 6.26 24.03
CA HIS B 183 2.47 6.48 22.86
C HIS B 183 1.57 6.82 21.67
N THR B 184 1.66 8.04 21.14
CA THR B 184 0.73 8.47 20.15
C THR B 184 1.40 8.92 18.85
N PHE B 185 2.73 9.08 18.83
CA PHE B 185 3.39 9.51 17.58
C PHE B 185 4.74 8.81 17.42
N THR B 186 4.67 7.52 17.15
CA THR B 186 5.85 6.66 17.07
C THR B 186 6.28 6.45 15.62
N ARG B 187 5.57 7.02 14.64
CA ARG B 187 6.00 6.94 13.25
C ARG B 187 7.51 7.28 13.20
N GLY B 188 8.23 6.58 12.34
CA GLY B 188 9.66 6.78 12.17
C GLY B 188 10.48 5.56 12.52
N SER B 189 11.77 5.63 12.18
CA SER B 189 12.72 4.63 12.55
C SER B 189 13.10 4.86 14.01
N PRO B 190 13.38 3.78 14.79
CA PRO B 190 13.64 3.94 16.22
C PRO B 190 14.82 4.87 16.52
N GLY B 191 14.62 5.84 17.41
CA GLY B 191 15.62 6.85 17.74
C GLY B 191 15.39 8.14 16.96
N ARG B 192 14.56 8.06 15.91
CA ARG B 192 14.18 9.19 15.07
C ARG B 192 12.65 9.39 15.06
N SER B 193 11.91 8.70 15.93
CA SER B 193 10.50 8.98 16.14
C SER B 193 10.36 10.11 17.16
N ILE B 194 9.34 10.95 17.01
CA ILE B 194 9.06 12.03 17.97
C ILE B 194 8.77 11.39 19.33
N GLY B 195 7.78 10.50 19.36
CA GLY B 195 7.47 9.74 20.54
C GLY B 195 8.29 8.47 20.61
N ILE B 196 8.63 8.05 21.83
CA ILE B 196 9.44 6.86 22.09
C ILE B 196 8.66 5.60 21.69
N GLN B 197 9.37 4.60 21.19
CA GLN B 197 8.77 3.40 20.66
C GLN B 197 8.71 2.34 21.77
N LYS B 198 9.83 2.08 22.44
CA LYS B 198 9.91 1.01 23.45
C LYS B 198 8.98 1.33 24.62
N PRO B 199 8.35 0.29 25.22
CA PRO B 199 7.57 0.50 26.43
C PRO B 199 8.49 0.89 27.60
N VAL B 200 8.11 1.94 28.34
CA VAL B 200 8.89 2.45 29.47
C VAL B 200 8.04 2.50 30.74
N GLY B 201 6.86 1.88 30.72
CA GLY B 201 5.95 1.91 31.87
C GLY B 201 5.70 0.53 32.44
N HIS B 202 4.82 0.47 33.43
CA HIS B 202 4.18 -0.76 33.83
C HIS B 202 3.11 -1.11 32.78
N VAL B 203 2.41 -0.07 32.30
CA VAL B 203 1.42 -0.24 31.26
C VAL B 203 1.72 0.80 30.18
N ASP B 204 1.87 0.29 28.95
CA ASP B 204 2.16 1.11 27.79
C ASP B 204 1.04 0.89 26.79
N ILE B 205 0.34 1.98 26.46
CA ILE B 205 -0.80 1.95 25.58
C ILE B 205 -0.44 2.67 24.27
N TYR B 206 -0.86 2.07 23.15
CA TYR B 206 -0.56 2.54 21.81
C TYR B 206 -1.88 2.79 21.07
N PRO B 207 -2.56 3.93 21.30
CA PRO B 207 -3.77 4.23 20.54
C PRO B 207 -3.48 4.18 19.04
N ASN B 208 -4.32 3.48 18.30
CA ASN B 208 -4.14 3.24 16.89
C ASN B 208 -2.78 2.52 16.79
N GLY B 209 -1.97 2.82 15.80
CA GLY B 209 -0.67 2.08 15.82
C GLY B 209 0.17 2.34 17.08
N GLY B 210 -0.05 3.54 17.66
CA GLY B 210 0.99 4.35 18.25
C GLY B 210 1.66 5.29 17.24
N THR B 211 1.61 4.97 15.94
CA THR B 211 2.45 5.61 14.95
C THR B 211 1.92 7.00 14.57
N PHE B 212 0.60 7.14 14.45
CA PHE B 212 0.00 8.36 13.99
C PHE B 212 -1.48 8.35 14.38
N GLN B 213 -2.07 9.50 14.65
CA GLN B 213 -3.41 9.52 15.19
C GLN B 213 -4.41 9.97 14.12
N PRO B 214 -5.63 9.39 14.11
CA PRO B 214 -6.71 9.91 13.27
C PRO B 214 -7.04 11.36 13.62
N GLY B 215 -7.42 12.15 12.62
CA GLY B 215 -7.19 13.60 12.59
C GLY B 215 -5.84 13.81 11.92
N CYS B 216 -5.20 14.95 12.12
CA CYS B 216 -3.73 15.01 11.94
C CYS B 216 -3.25 14.64 10.53
N ASN B 217 -3.75 15.32 9.47
CA ASN B 217 -3.24 15.18 8.06
C ASN B 217 -3.43 16.51 7.33
N ILE B 218 -4.70 16.93 7.28
CA ILE B 218 -5.19 18.19 6.73
C ILE B 218 -6.43 18.60 7.57
N GLY B 219 -6.31 19.77 8.22
CA GLY B 219 -7.32 20.23 9.20
C GLY B 219 -7.48 21.75 9.21
N GLU B 220 -8.04 22.25 10.32
CA GLU B 220 -8.45 23.64 10.55
C GLU B 220 -7.45 24.36 11.48
N ALA B 221 -6.57 23.58 12.12
CA ALA B 221 -5.51 24.07 13.04
C ALA B 221 -5.64 25.56 13.30
N GLY B 231 -4.96 29.00 18.41
CA GLY B 231 -4.25 27.74 18.62
C GLY B 231 -2.84 27.97 19.13
N ASP B 232 -1.91 27.09 18.69
CA ASP B 232 -0.45 27.01 19.09
C ASP B 232 0.45 27.31 17.87
N VAL B 233 1.78 27.36 18.07
CA VAL B 233 2.78 27.89 17.07
C VAL B 233 2.77 27.06 15.77
N ASP B 234 2.52 25.75 15.87
CA ASP B 234 2.38 24.88 14.69
C ASP B 234 1.70 23.56 15.09
N GLN B 235 0.37 23.60 15.10
CA GLN B 235 -0.46 22.51 15.54
C GLN B 235 -0.33 21.34 14.57
N LEU B 236 -0.32 21.66 13.26
CA LEU B 236 -0.47 20.69 12.17
C LEU B 236 0.57 19.56 12.34
N VAL B 237 1.80 19.96 12.68
CA VAL B 237 2.94 19.06 12.78
C VAL B 237 2.89 18.24 14.08
N LYS B 238 2.35 18.77 15.18
CA LYS B 238 2.49 18.12 16.50
C LYS B 238 1.13 17.61 17.02
N CYS B 239 0.13 17.53 16.13
CA CYS B 239 -1.21 17.03 16.39
C CYS B 239 -1.17 15.64 17.06
N SER B 240 -0.46 14.70 16.42
CA SER B 240 -0.38 13.29 16.85
C SER B 240 0.37 13.17 18.18
N HIS B 241 1.31 14.08 18.43
CA HIS B 241 2.13 14.08 19.62
C HIS B 241 1.25 14.53 20.80
N GLU B 242 0.58 15.67 20.60
CA GLU B 242 -0.23 16.32 21.58
C GLU B 242 -1.49 15.48 21.90
N ARG B 243 -1.94 14.66 20.94
CA ARG B 243 -3.10 13.83 21.14
C ARG B 243 -3.01 13.04 22.45
N SER B 244 -1.80 12.67 22.89
CA SER B 244 -1.68 11.89 24.12
C SER B 244 -2.35 12.62 25.30
N ILE B 245 -2.17 13.95 25.35
CA ILE B 245 -2.68 14.76 26.42
C ILE B 245 -4.20 14.76 26.34
N HIS B 246 -4.73 14.92 25.13
CA HIS B 246 -6.18 15.11 24.94
C HIS B 246 -6.93 13.80 25.21
N LEU B 247 -6.26 12.66 25.01
CA LEU B 247 -6.78 11.38 25.42
C LEU B 247 -6.85 11.33 26.94
N PHE B 248 -5.78 11.78 27.63
CA PHE B 248 -5.82 11.79 29.13
C PHE B 248 -6.94 12.70 29.65
N ILE B 249 -7.03 13.91 29.09
CA ILE B 249 -8.06 14.86 29.45
C ILE B 249 -9.45 14.23 29.31
N ASP B 250 -9.68 13.64 28.13
CA ASP B 250 -10.93 12.95 27.81
C ASP B 250 -11.24 11.89 28.86
N SER B 251 -10.20 11.25 29.39
CA SER B 251 -10.39 10.24 30.43
C SER B 251 -10.81 10.91 31.73
N LEU B 252 -10.26 12.10 32.04
CA LEU B 252 -10.58 12.82 33.29
C LEU B 252 -12.05 13.29 33.29
N LEU B 253 -12.58 13.55 32.09
CA LEU B 253 -13.92 14.08 31.94
C LEU B 253 -14.96 12.97 31.69
N ASN B 254 -14.52 11.70 31.57
CA ASN B 254 -15.41 10.58 31.34
C ASN B 254 -15.09 9.51 32.38
N GLU B 255 -15.19 9.90 33.66
CA GLU B 255 -14.85 9.05 34.80
C GLU B 255 -15.55 7.69 34.70
N GLU B 256 -16.86 7.71 34.43
CA GLU B 256 -17.65 6.51 34.49
C GLU B 256 -17.96 6.06 33.07
N ASN B 257 -17.00 6.24 32.16
CA ASN B 257 -17.22 5.79 30.81
C ASN B 257 -15.88 5.66 30.06
N PRO B 258 -14.87 4.96 30.62
CA PRO B 258 -13.54 4.95 30.03
C PRO B 258 -13.49 4.10 28.75
N SER B 259 -12.31 4.13 28.11
CA SER B 259 -11.98 3.36 26.93
C SER B 259 -11.09 2.19 27.34
N LYS B 260 -11.47 0.97 26.93
CA LYS B 260 -10.68 -0.20 27.13
C LYS B 260 -9.53 -0.16 26.13
N ALA B 261 -8.36 -0.63 26.60
CA ALA B 261 -7.27 -1.00 25.75
C ALA B 261 -6.89 -2.44 26.06
N TYR B 262 -6.47 -3.16 25.02
CA TYR B 262 -6.37 -4.59 24.97
C TYR B 262 -4.91 -4.99 24.73
N ARG B 263 -4.32 -5.73 25.67
CA ARG B 263 -2.98 -6.30 25.52
C ARG B 263 -2.91 -7.12 24.22
N CYS B 264 -1.79 -7.05 23.50
CA CYS B 264 -1.68 -7.76 22.26
C CYS B 264 -0.21 -7.98 21.88
N SER B 265 0.05 -9.12 21.25
CA SER B 265 1.37 -9.59 20.88
C SER B 265 1.98 -8.66 19.83
N SER B 266 1.12 -7.98 19.05
CA SER B 266 1.54 -7.03 18.02
C SER B 266 0.33 -6.20 17.56
N LYS B 267 0.62 -5.07 16.91
CA LYS B 267 -0.44 -4.21 16.36
C LYS B 267 -1.09 -4.90 15.17
N GLU B 268 -0.31 -5.74 14.45
CA GLU B 268 -0.81 -6.47 13.30
C GLU B 268 -1.89 -7.45 13.77
N ALA B 269 -1.60 -8.17 14.87
CA ALA B 269 -2.52 -9.13 15.49
C ALA B 269 -3.77 -8.42 16.00
N PHE B 270 -3.59 -7.22 16.58
CA PHE B 270 -4.70 -6.47 17.10
C PHE B 270 -5.67 -6.13 15.97
N GLU B 271 -5.11 -5.79 14.81
CA GLU B 271 -5.89 -5.31 13.67
C GLU B 271 -6.68 -6.45 13.01
N LYS B 272 -6.34 -7.71 13.31
CA LYS B 272 -7.08 -8.89 12.84
C LYS B 272 -8.19 -9.30 13.83
N GLY B 273 -8.26 -8.61 14.97
CA GLY B 273 -9.27 -8.90 16.02
C GLY B 273 -8.89 -10.09 16.88
N LEU B 274 -7.60 -10.43 16.89
CA LEU B 274 -7.12 -11.54 17.66
C LEU B 274 -7.03 -11.17 19.13
N CYS B 275 -6.84 -9.87 19.42
CA CYS B 275 -6.67 -9.39 20.78
C CYS B 275 -7.77 -8.37 21.10
N LEU B 276 -9.01 -8.85 21.26
CA LEU B 276 -9.95 -8.29 22.22
C LEU B 276 -9.69 -9.06 23.52
N SER B 277 -10.68 -9.42 24.32
CA SER B 277 -10.36 -10.29 25.52
C SER B 277 -9.87 -9.46 26.72
N CYS B 278 -10.54 -9.68 27.84
CA CYS B 278 -10.30 -8.96 29.03
C CYS B 278 -10.05 -9.94 30.17
N ARG B 279 -9.50 -11.12 29.86
CA ARG B 279 -9.15 -12.14 30.87
C ARG B 279 -7.83 -11.76 31.55
N LYS B 280 -7.81 -11.85 32.90
CA LYS B 280 -6.62 -11.69 33.77
C LYS B 280 -5.76 -10.52 33.29
N ASN B 281 -6.38 -9.33 33.33
CA ASN B 281 -5.74 -8.07 33.03
C ASN B 281 -5.19 -8.07 31.60
N ARG B 282 -5.91 -8.71 30.68
CA ARG B 282 -5.54 -8.61 29.30
C ARG B 282 -6.14 -7.31 28.74
N CYS B 283 -7.02 -6.66 29.51
CA CYS B 283 -7.47 -5.34 29.12
C CYS B 283 -7.45 -4.40 30.34
N ASN B 284 -7.37 -3.09 30.06
CA ASN B 284 -7.27 -2.06 31.08
C ASN B 284 -7.98 -0.80 30.57
N ASN B 285 -8.12 0.22 31.41
CA ASN B 285 -8.70 1.48 31.00
C ASN B 285 -7.58 2.45 30.60
N LEU B 286 -7.77 3.18 29.51
CA LEU B 286 -6.86 4.27 29.17
C LEU B 286 -7.09 5.45 30.12
N GLY B 287 -6.04 5.87 30.84
CA GLY B 287 -5.99 7.20 31.49
C GLY B 287 -6.14 7.13 33.00
N TYR B 288 -6.84 8.14 33.55
CA TYR B 288 -6.94 8.36 34.99
C TYR B 288 -7.43 7.09 35.71
N GLU B 289 -8.46 6.43 35.15
CA GLU B 289 -9.12 5.29 35.82
C GLU B 289 -8.37 3.96 35.60
N ILE B 290 -7.09 3.97 35.16
CA ILE B 290 -6.36 2.75 34.87
C ILE B 290 -6.19 1.92 36.15
N ASN B 291 -6.24 0.59 35.99
CA ASN B 291 -5.97 -0.35 37.03
C ASN B 291 -4.47 -0.55 37.13
N LYS B 292 -3.94 -0.51 38.35
CA LYS B 292 -2.51 -0.39 38.56
C LYS B 292 -1.91 -1.79 38.70
N VAL B 293 -1.81 -2.48 37.55
CA VAL B 293 -1.53 -3.91 37.49
C VAL B 293 -0.11 -4.19 37.99
N ARG B 294 0.87 -3.48 37.42
CA ARG B 294 2.31 -3.77 37.60
C ARG B 294 2.61 -5.22 37.17
N ALA B 295 2.53 -5.49 35.87
CA ALA B 295 2.75 -6.83 35.29
C ALA B 295 4.20 -7.28 35.55
N LYS B 296 4.46 -8.58 35.32
CA LYS B 296 5.77 -9.22 35.58
C LYS B 296 6.89 -8.52 34.79
N ALA B 297 6.57 -8.07 33.57
CA ALA B 297 7.45 -7.28 32.73
C ALA B 297 6.64 -6.71 31.55
N SER B 298 6.68 -5.38 31.38
CA SER B 298 6.07 -4.68 30.24
C SER B 298 4.55 -4.87 30.25
N SER B 299 3.92 -4.33 29.20
CA SER B 299 2.61 -4.75 28.74
C SER B 299 2.57 -4.63 27.21
N LYS B 300 2.20 -3.45 26.69
CA LYS B 300 1.87 -3.20 25.24
C LYS B 300 0.38 -3.52 24.96
N MET B 301 -0.43 -2.46 24.90
CA MET B 301 -1.87 -2.56 24.76
C MET B 301 -2.31 -1.64 23.60
N TYR B 302 -3.42 -2.01 22.97
CA TYR B 302 -3.88 -1.36 21.76
C TYR B 302 -5.37 -1.02 21.88
N LEU B 303 -5.78 -0.01 21.11
CA LEU B 303 -7.17 0.37 20.95
C LEU B 303 -7.27 1.31 19.74
N LYS B 304 -8.48 1.42 19.19
CA LYS B 304 -8.77 2.39 18.19
C LYS B 304 -9.43 3.56 18.90
N THR B 305 -9.56 4.70 18.20
CA THR B 305 -10.13 5.93 18.73
C THR B 305 -10.69 6.73 17.57
N ARG B 306 -11.51 7.72 17.89
CA ARG B 306 -12.06 8.66 16.95
C ARG B 306 -11.04 9.78 16.77
N SER B 307 -11.36 10.71 15.87
CA SER B 307 -10.52 11.87 15.54
C SER B 307 -10.78 13.04 16.49
N GLN B 308 -12.04 13.29 16.83
CA GLN B 308 -12.43 14.39 17.72
C GLN B 308 -12.66 13.83 19.11
N MET B 309 -13.08 14.65 20.07
CA MET B 309 -13.27 14.24 21.46
C MET B 309 -14.21 13.04 21.46
N PRO B 310 -15.18 12.90 22.38
CA PRO B 310 -15.38 11.63 23.11
C PRO B 310 -14.39 10.46 22.91
N TYR B 311 -13.85 10.27 21.69
CA TYR B 311 -12.66 9.43 21.42
C TYR B 311 -13.00 7.94 21.45
N LYS B 312 -13.74 7.50 22.47
CA LYS B 312 -14.08 6.08 22.66
C LYS B 312 -14.74 5.50 21.41
N VAL B 313 -14.35 4.26 21.09
CA VAL B 313 -15.00 3.46 20.10
C VAL B 313 -15.32 2.10 20.72
N PHE B 314 -16.23 1.38 20.06
CA PHE B 314 -16.54 -0.01 20.40
C PHE B 314 -15.84 -0.96 19.40
N HIS B 315 -15.21 -2.00 19.96
CA HIS B 315 -14.46 -3.00 19.25
C HIS B 315 -15.27 -4.28 19.17
N TYR B 316 -15.32 -4.86 17.96
CA TYR B 316 -15.84 -6.19 17.71
C TYR B 316 -14.86 -6.95 16.82
N GLN B 317 -14.76 -8.25 17.07
CA GLN B 317 -14.14 -9.19 16.16
C GLN B 317 -15.27 -9.91 15.40
N VAL B 318 -15.06 -10.11 14.09
CA VAL B 318 -15.98 -10.81 13.26
C VAL B 318 -15.25 -12.01 12.66
N LYS B 319 -15.87 -13.19 12.79
CA LYS B 319 -15.43 -14.41 12.14
C LYS B 319 -16.47 -14.87 11.12
N ILE B 320 -15.99 -15.12 9.91
CA ILE B 320 -16.82 -15.58 8.81
C ILE B 320 -16.11 -16.76 8.15
N HIS B 321 -16.84 -17.87 8.06
CA HIS B 321 -16.44 -19.02 7.30
C HIS B 321 -17.13 -18.95 5.93
N PHE B 322 -16.32 -18.85 4.86
CA PHE B 322 -16.84 -18.68 3.52
C PHE B 322 -16.98 -20.07 2.88
N SER B 323 -18.22 -20.50 2.64
CA SER B 323 -18.46 -21.85 2.16
C SER B 323 -18.83 -21.81 0.68
N GLY B 324 -18.48 -22.88 -0.05
CA GLY B 324 -18.82 -23.05 -1.47
C GLY B 324 -18.54 -24.46 -1.96
N THR B 325 -19.21 -24.88 -3.03
CA THR B 325 -18.93 -26.18 -3.63
C THR B 325 -17.65 -26.08 -4.46
N GLU B 326 -17.51 -24.99 -5.25
CA GLU B 326 -16.36 -24.82 -6.18
C GLU B 326 -15.27 -24.00 -5.47
N SER B 327 -14.02 -24.15 -5.93
CA SER B 327 -12.82 -23.78 -5.14
C SER B 327 -12.01 -22.66 -5.80
N GLU B 328 -12.41 -21.41 -5.58
CA GLU B 328 -11.73 -20.20 -6.07
C GLU B 328 -11.17 -19.40 -4.89
N THR B 329 -10.18 -18.56 -5.20
CA THR B 329 -9.68 -17.52 -4.29
C THR B 329 -9.94 -16.14 -4.90
N HIS B 330 -10.01 -15.14 -4.03
CA HIS B 330 -10.06 -13.75 -4.43
C HIS B 330 -9.07 -13.01 -3.52
N THR B 331 -8.66 -11.81 -3.95
CA THR B 331 -7.63 -11.03 -3.28
C THR B 331 -8.10 -9.59 -3.09
N ASN B 332 -7.47 -8.91 -2.12
CA ASN B 332 -7.92 -7.62 -1.66
C ASN B 332 -9.38 -7.77 -1.22
N GLN B 333 -10.34 -7.40 -2.07
CA GLN B 333 -11.80 -7.65 -1.84
C GLN B 333 -12.34 -6.77 -0.70
N ALA B 334 -13.38 -6.00 -1.04
CA ALA B 334 -13.93 -4.94 -0.22
C ALA B 334 -15.38 -5.25 0.19
N PHE B 335 -15.68 -4.95 1.46
CA PHE B 335 -16.84 -5.41 2.15
C PHE B 335 -17.43 -4.29 3.02
N GLU B 336 -18.76 -4.23 3.09
CA GLU B 336 -19.47 -3.39 4.06
C GLU B 336 -20.22 -4.30 5.04
N ILE B 337 -20.21 -3.94 6.31
CA ILE B 337 -20.97 -4.64 7.34
C ILE B 337 -21.79 -3.61 8.11
N SER B 338 -23.03 -3.96 8.41
CA SER B 338 -23.97 -3.09 9.10
C SER B 338 -24.49 -3.78 10.37
N LEU B 339 -24.39 -3.07 11.50
CA LEU B 339 -24.74 -3.60 12.82
C LEU B 339 -26.00 -2.91 13.35
N TYR B 340 -26.97 -3.73 13.75
CA TYR B 340 -28.21 -3.22 14.30
C TYR B 340 -28.42 -3.78 15.71
N GLY B 341 -28.53 -2.86 16.67
CA GLY B 341 -28.72 -3.20 18.07
C GLY B 341 -30.00 -2.60 18.64
N THR B 342 -30.19 -2.83 19.95
CA THR B 342 -31.38 -2.42 20.65
C THR B 342 -31.48 -0.90 20.68
N VAL B 343 -30.33 -0.23 20.83
CA VAL B 343 -30.25 1.22 21.05
C VAL B 343 -30.07 1.98 19.72
N ALA B 344 -29.13 1.53 18.88
CA ALA B 344 -28.82 2.22 17.65
C ALA B 344 -28.32 1.23 16.58
N GLU B 345 -27.81 1.78 15.48
CA GLU B 345 -27.29 1.04 14.35
C GLU B 345 -26.05 1.79 13.85
N SER B 346 -25.09 1.09 13.23
CA SER B 346 -24.16 1.76 12.30
C SER B 346 -24.02 0.91 11.04
N GLU B 347 -24.41 1.54 9.94
CA GLU B 347 -24.54 0.96 8.66
C GLU B 347 -23.26 1.20 7.87
N ASN B 348 -22.94 0.28 6.97
CA ASN B 348 -21.97 0.45 5.88
C ASN B 348 -20.55 0.70 6.41
N ILE B 349 -20.15 -0.05 7.45
CA ILE B 349 -18.78 -0.05 7.92
C ILE B 349 -17.90 -0.76 6.90
N PRO B 350 -16.91 -0.07 6.28
CA PRO B 350 -15.99 -0.72 5.34
C PRO B 350 -14.92 -1.57 6.01
N PHE B 351 -14.52 -2.63 5.30
CA PHE B 351 -13.33 -3.41 5.60
C PHE B 351 -12.93 -4.19 4.33
N THR B 352 -11.68 -4.65 4.29
CA THR B 352 -11.20 -5.45 3.17
C THR B 352 -10.47 -6.67 3.73
N LEU B 353 -10.37 -7.70 2.91
CA LEU B 353 -9.75 -8.93 3.31
C LEU B 353 -8.61 -9.27 2.35
N PRO B 354 -7.38 -9.49 2.86
CA PRO B 354 -6.26 -9.91 2.02
C PRO B 354 -6.67 -10.91 0.93
N GLU B 355 -7.39 -11.96 1.33
CA GLU B 355 -7.92 -12.94 0.41
C GLU B 355 -9.21 -13.53 0.96
N VAL B 356 -10.00 -14.10 0.05
CA VAL B 356 -11.25 -14.77 0.35
C VAL B 356 -11.28 -16.05 -0.48
N SER B 357 -11.04 -17.19 0.15
CA SER B 357 -11.02 -18.51 -0.51
C SER B 357 -12.13 -19.39 0.06
N THR B 358 -12.57 -20.40 -0.71
CA THR B 358 -13.73 -21.20 -0.28
C THR B 358 -13.31 -22.20 0.81
N ASN B 359 -14.24 -22.44 1.75
CA ASN B 359 -14.13 -23.30 2.93
C ASN B 359 -12.90 -22.92 3.75
N LYS B 360 -12.71 -21.61 3.96
CA LYS B 360 -11.75 -21.06 4.90
C LYS B 360 -12.48 -20.04 5.78
N THR B 361 -11.89 -19.73 6.92
CA THR B 361 -12.48 -18.83 7.90
C THR B 361 -11.51 -17.67 8.15
N TYR B 362 -12.06 -16.45 8.19
CA TYR B 362 -11.29 -15.23 8.37
C TYR B 362 -11.88 -14.45 9.55
N SER B 363 -10.98 -13.96 10.41
CA SER B 363 -11.25 -13.10 11.53
C SER B 363 -10.95 -11.65 11.11
N PHE B 364 -11.55 -10.65 11.78
CA PHE B 364 -11.15 -9.25 11.51
C PHE B 364 -11.81 -8.28 12.50
N LEU B 365 -11.13 -7.16 12.72
CA LEU B 365 -11.57 -6.11 13.64
C LEU B 365 -12.52 -5.14 12.92
N ILE B 366 -13.69 -4.91 13.53
CA ILE B 366 -14.63 -3.83 13.21
C ILE B 366 -14.67 -2.93 14.45
N TYR B 367 -14.68 -1.61 14.25
CA TYR B 367 -14.90 -0.70 15.37
C TYR B 367 -15.91 0.35 14.93
N THR B 368 -16.61 0.94 15.89
CA THR B 368 -17.63 1.95 15.59
C THR B 368 -17.76 2.94 16.76
N GLU B 369 -17.97 4.20 16.40
CA GLU B 369 -18.20 5.24 17.36
C GLU B 369 -19.56 5.01 18.02
N VAL B 370 -20.47 4.32 17.32
CA VAL B 370 -21.86 4.26 17.75
C VAL B 370 -22.02 3.21 18.86
N ASP B 371 -22.65 3.64 19.95
CA ASP B 371 -23.17 2.74 20.96
C ASP B 371 -24.45 2.08 20.43
N ILE B 372 -24.26 0.85 19.93
CA ILE B 372 -25.26 0.03 19.25
C ILE B 372 -26.30 -0.48 20.27
N GLY B 373 -25.87 -0.79 21.49
CA GLY B 373 -26.66 -1.61 22.41
C GLY B 373 -26.39 -3.09 22.16
N GLU B 374 -27.32 -3.97 22.54
CA GLU B 374 -27.15 -5.41 22.28
C GLU B 374 -27.47 -5.68 20.82
N LEU B 375 -26.67 -6.53 20.19
CA LEU B 375 -26.79 -6.84 18.76
C LEU B 375 -28.05 -7.67 18.49
N LEU B 376 -28.67 -7.41 17.35
CA LEU B 376 -29.87 -8.13 16.92
C LEU B 376 -29.67 -8.66 15.50
N MET B 377 -29.26 -7.77 14.58
CA MET B 377 -29.17 -8.08 13.18
C MET B 377 -27.86 -7.52 12.63
N LEU B 378 -27.37 -8.17 11.58
CA LEU B 378 -26.08 -7.94 10.98
C LEU B 378 -26.19 -8.15 9.47
N LYS B 379 -25.88 -7.14 8.67
CA LYS B 379 -25.95 -7.25 7.18
C LYS B 379 -24.55 -7.18 6.58
N LEU B 380 -24.28 -8.06 5.62
CA LEU B 380 -22.97 -8.12 5.00
C LEU B 380 -23.11 -7.93 3.49
N LYS B 381 -22.29 -7.02 2.94
CA LYS B 381 -22.29 -6.66 1.51
C LYS B 381 -20.89 -6.91 0.97
N TRP B 382 -20.82 -7.71 -0.10
CA TRP B 382 -19.63 -7.89 -0.89
C TRP B 382 -19.63 -6.88 -2.04
N LYS B 383 -18.77 -5.84 -1.95
CA LYS B 383 -18.76 -4.76 -2.90
C LYS B 383 -17.94 -5.21 -4.11
N SER B 384 -18.39 -4.83 -5.32
CA SER B 384 -17.56 -5.04 -6.51
C SER B 384 -16.44 -3.99 -6.53
N ASP B 385 -15.40 -4.27 -7.31
CA ASP B 385 -14.17 -3.44 -7.37
C ASP B 385 -14.43 -2.19 -8.24
N SER B 386 -14.10 -0.99 -7.70
CA SER B 386 -14.14 0.32 -8.40
C SER B 386 -14.51 1.44 -7.42
N SER B 395 -19.39 -12.93 -15.62
CA SER B 395 -19.06 -13.12 -14.20
C SER B 395 -20.34 -13.40 -13.39
N SER B 396 -20.18 -13.59 -12.06
CA SER B 396 -21.26 -13.70 -11.00
C SER B 396 -20.80 -14.48 -9.76
N PRO B 397 -19.84 -13.96 -8.95
CA PRO B 397 -19.17 -14.75 -7.89
C PRO B 397 -19.59 -14.58 -6.42
N GLY B 398 -19.88 -15.69 -5.72
CA GLY B 398 -20.37 -15.63 -4.31
C GLY B 398 -20.23 -16.93 -3.51
N PHE B 399 -20.22 -16.76 -2.18
CA PHE B 399 -20.18 -17.85 -1.20
C PHE B 399 -21.53 -17.99 -0.48
N ALA B 400 -21.71 -19.15 0.18
CA ALA B 400 -22.83 -19.40 1.11
C ALA B 400 -22.32 -19.26 2.54
N ILE B 401 -23.00 -18.42 3.33
CA ILE B 401 -22.70 -18.22 4.73
C ILE B 401 -23.95 -18.59 5.55
N GLN B 402 -23.79 -19.46 6.53
CA GLN B 402 -24.88 -19.85 7.43
C GLN B 402 -24.84 -18.96 8.67
N LYS B 403 -23.68 -18.91 9.32
CA LYS B 403 -23.51 -18.23 10.60
C LYS B 403 -22.37 -17.21 10.51
N ILE B 404 -22.49 -16.14 11.30
CA ILE B 404 -21.40 -15.22 11.56
C ILE B 404 -21.20 -15.13 13.07
N ARG B 405 -19.94 -15.19 13.52
CA ARG B 405 -19.56 -15.07 14.92
C ARG B 405 -19.05 -13.65 15.20
N VAL B 406 -19.49 -13.02 16.29
CA VAL B 406 -18.99 -11.69 16.68
C VAL B 406 -18.62 -11.72 18.15
N LYS B 407 -17.43 -11.25 18.49
CA LYS B 407 -17.08 -11.08 19.87
C LYS B 407 -16.98 -9.58 20.14
N ALA B 408 -17.64 -9.11 21.21
CA ALA B 408 -17.67 -7.70 21.56
C ALA B 408 -16.71 -7.46 22.73
N GLY B 409 -15.77 -6.53 22.52
CA GLY B 409 -14.64 -6.31 23.39
C GLY B 409 -15.06 -5.71 24.71
N GLU B 410 -15.88 -4.66 24.67
CA GLU B 410 -16.23 -3.84 25.84
C GLU B 410 -17.21 -4.59 26.76
N THR B 411 -18.03 -5.49 26.21
CA THR B 411 -19.07 -6.18 26.98
C THR B 411 -18.76 -7.68 27.13
N GLN B 412 -17.55 -8.10 26.74
CA GLN B 412 -17.08 -9.50 26.72
C GLN B 412 -18.22 -10.50 26.43
N LYS B 413 -18.89 -10.31 25.29
CA LYS B 413 -20.00 -11.17 24.88
C LYS B 413 -19.73 -11.73 23.49
N LYS B 414 -20.00 -13.02 23.32
CA LYS B 414 -19.85 -13.72 22.10
C LYS B 414 -21.26 -13.99 21.55
N VAL B 415 -21.51 -13.56 20.31
CA VAL B 415 -22.82 -13.62 19.70
C VAL B 415 -22.72 -14.39 18.39
N ILE B 416 -23.73 -15.21 18.12
CA ILE B 416 -23.82 -15.89 16.85
C ILE B 416 -25.04 -15.35 16.10
N PHE B 417 -24.83 -15.09 14.80
CA PHE B 417 -25.91 -14.75 13.91
C PHE B 417 -26.07 -15.88 12.90
N CYS B 418 -27.34 -16.21 12.59
CA CYS B 418 -27.73 -17.17 11.60
C CYS B 418 -28.50 -16.48 10.49
N SER B 419 -28.42 -17.03 9.28
CA SER B 419 -29.23 -16.61 8.16
C SER B 419 -30.70 -16.92 8.43
N ARG B 420 -31.58 -16.00 8.04
CA ARG B 420 -33.01 -16.21 8.23
C ARG B 420 -33.41 -17.53 7.57
N GLU B 421 -32.86 -17.81 6.37
CA GLU B 421 -33.09 -19.07 5.62
C GLU B 421 -31.88 -19.98 5.79
N LYS B 422 -31.87 -21.13 5.13
CA LYS B 422 -30.92 -22.23 5.40
C LYS B 422 -29.46 -21.80 5.16
N VAL B 423 -29.24 -21.00 4.11
CA VAL B 423 -27.94 -20.33 3.83
C VAL B 423 -28.23 -18.93 3.29
N SER B 424 -27.41 -17.95 3.66
CA SER B 424 -27.44 -16.64 3.04
C SER B 424 -26.37 -16.64 1.94
N HIS B 425 -26.80 -16.43 0.68
CA HIS B 425 -25.90 -16.24 -0.45
C HIS B 425 -25.33 -14.81 -0.42
N LEU B 426 -24.00 -14.72 -0.31
CA LEU B 426 -23.33 -13.43 -0.35
C LEU B 426 -23.46 -12.87 -1.78
N GLN B 427 -22.44 -13.01 -2.64
CA GLN B 427 -22.53 -12.64 -4.08
C GLN B 427 -22.08 -11.19 -4.32
N LYS B 428 -20.81 -11.07 -4.73
CA LYS B 428 -20.13 -9.81 -5.09
C LYS B 428 -21.05 -8.90 -5.93
N GLY B 429 -21.23 -7.66 -5.46
CA GLY B 429 -21.99 -6.62 -6.12
C GLY B 429 -23.49 -6.86 -6.10
N LYS B 430 -24.00 -7.63 -5.13
CA LYS B 430 -25.45 -7.84 -5.06
C LYS B 430 -26.02 -7.42 -3.69
N ALA B 431 -27.29 -7.82 -3.42
CA ALA B 431 -28.00 -7.59 -2.14
C ALA B 431 -27.08 -7.96 -0.98
N PRO B 432 -27.11 -7.24 0.15
CA PRO B 432 -26.42 -7.71 1.35
C PRO B 432 -27.12 -8.97 1.90
N ALA B 433 -26.30 -9.95 2.30
CA ALA B 433 -26.67 -11.12 3.09
C ALA B 433 -27.08 -10.68 4.49
N VAL B 434 -28.18 -11.26 5.01
CA VAL B 434 -28.80 -10.84 6.27
C VAL B 434 -28.65 -11.97 7.29
N PHE B 435 -28.23 -11.59 8.51
CA PHE B 435 -28.11 -12.51 9.62
C PHE B 435 -28.79 -11.90 10.86
N VAL B 436 -29.46 -12.77 11.63
CA VAL B 436 -30.12 -12.40 12.88
C VAL B 436 -29.49 -13.22 14.01
N LYS B 437 -29.46 -12.64 15.21
CA LYS B 437 -28.86 -13.27 16.37
C LYS B 437 -29.63 -14.55 16.70
N CYS B 438 -28.90 -15.66 16.88
CA CYS B 438 -29.48 -16.96 17.27
C CYS B 438 -28.90 -17.49 18.59
N HIS B 439 -27.93 -16.80 19.19
CA HIS B 439 -27.28 -17.23 20.40
C HIS B 439 -26.37 -16.13 20.95
N ASP B 440 -26.19 -16.09 22.26
CA ASP B 440 -25.07 -15.30 22.81
C ASP B 440 -24.66 -15.90 24.15
N LYS B 441 -23.56 -15.34 24.66
CA LYS B 441 -22.83 -15.89 25.76
C LYS B 441 -21.93 -14.79 26.32
N SER B 442 -21.65 -14.84 27.63
CA SER B 442 -20.75 -13.91 28.33
C SER B 442 -19.42 -14.61 28.60
N LEU B 443 -18.32 -13.84 28.66
CA LEU B 443 -17.04 -14.36 29.14
C LEU B 443 -16.42 -13.32 30.09
N LEU C 42 45.54 -6.89 -28.84
CA LEU C 42 46.17 -6.62 -27.51
C LEU C 42 46.66 -5.17 -27.47
N LEU C 43 45.98 -4.38 -26.62
CA LEU C 43 46.20 -2.96 -26.41
C LEU C 43 46.12 -2.69 -24.91
N ARG C 44 46.99 -1.82 -24.39
CA ARG C 44 46.97 -1.40 -22.98
C ARG C 44 46.48 0.04 -22.93
N CYS C 45 45.51 0.31 -22.03
CA CYS C 45 45.02 1.67 -21.80
C CYS C 45 45.16 2.03 -20.32
N TYR C 46 45.28 3.33 -20.06
CA TYR C 46 45.23 3.86 -18.69
C TYR C 46 43.82 3.60 -18.12
N THR C 47 43.74 3.05 -16.90
CA THR C 47 42.45 2.83 -16.25
C THR C 47 42.48 3.40 -14.84
N CYS C 48 42.03 4.65 -14.74
CA CYS C 48 42.14 5.49 -13.55
C CYS C 48 40.82 6.26 -13.37
N LYS C 49 40.13 5.95 -12.28
CA LYS C 49 38.87 6.60 -11.98
C LYS C 49 39.16 7.90 -11.21
N SER C 50 38.77 9.03 -11.83
CA SER C 50 38.65 10.33 -11.17
C SER C 50 39.97 10.78 -10.55
N LEU C 51 40.90 11.30 -11.36
CA LEU C 51 42.18 11.82 -10.85
C LEU C 51 42.19 13.35 -10.95
N PRO C 52 42.86 14.04 -10.00
CA PRO C 52 42.97 15.50 -10.07
C PRO C 52 43.81 15.91 -11.29
N ARG C 53 43.56 17.11 -11.80
CA ARG C 53 44.13 17.68 -13.04
C ARG C 53 45.62 17.30 -13.20
N ASP C 54 46.39 17.56 -12.15
CA ASP C 54 47.84 17.51 -12.23
C ASP C 54 48.36 16.23 -11.56
N GLU C 55 47.56 15.17 -11.54
CA GLU C 55 48.03 13.84 -11.23
C GLU C 55 48.15 13.06 -12.54
N ARG C 56 49.23 12.29 -12.67
CA ARG C 56 49.38 11.36 -13.80
C ARG C 56 48.88 9.99 -13.36
N CYS C 57 48.44 9.20 -14.32
CA CYS C 57 47.80 7.92 -14.08
C CYS C 57 48.85 6.83 -14.18
N ASN C 58 48.85 5.87 -13.25
CA ASN C 58 49.84 4.80 -13.24
C ASN C 58 49.15 3.44 -13.04
N LEU C 59 47.90 3.33 -13.46
CA LEU C 59 47.19 2.05 -13.56
C LEU C 59 46.87 1.81 -15.04
N THR C 60 47.06 0.57 -15.51
CA THR C 60 46.81 0.24 -16.92
C THR C 60 46.12 -1.13 -17.00
N GLN C 61 45.35 -1.33 -18.07
CA GLN C 61 44.66 -2.60 -18.30
C GLN C 61 44.93 -3.06 -19.74
N ASN C 62 44.97 -4.38 -19.93
CA ASN C 62 44.94 -4.99 -21.23
C ASN C 62 43.49 -5.08 -21.70
N CYS C 63 43.13 -4.33 -22.75
CA CYS C 63 41.79 -4.35 -23.34
C CYS C 63 41.62 -5.61 -24.20
N SER C 64 40.36 -5.91 -24.57
CA SER C 64 39.94 -7.16 -25.21
C SER C 64 39.45 -6.89 -26.64
N HIS C 65 39.27 -7.96 -27.42
CA HIS C 65 38.85 -7.91 -28.83
C HIS C 65 37.98 -6.68 -29.10
N GLY C 66 38.50 -5.71 -29.85
CA GLY C 66 37.70 -4.61 -30.41
C GLY C 66 37.81 -3.30 -29.65
N GLN C 67 38.36 -3.32 -28.43
CA GLN C 67 38.31 -2.18 -27.49
C GLN C 67 39.33 -1.10 -27.87
N THR C 68 39.02 0.16 -27.53
CA THR C 68 39.91 1.31 -27.70
C THR C 68 40.10 2.02 -26.35
N CYS C 69 41.00 3.01 -26.33
CA CYS C 69 41.35 3.85 -25.16
C CYS C 69 40.42 5.05 -25.11
N THR C 70 39.90 5.35 -23.92
CA THR C 70 39.12 6.57 -23.77
C THR C 70 39.58 7.36 -22.54
N THR C 71 39.24 8.66 -22.58
CA THR C 71 39.46 9.59 -21.50
C THR C 71 38.29 10.58 -21.41
N LEU C 72 37.73 10.66 -20.19
CA LEU C 72 36.64 11.55 -19.78
C LEU C 72 37.25 12.65 -18.90
N ILE C 73 37.20 13.90 -19.35
CA ILE C 73 37.59 15.05 -18.55
C ILE C 73 36.33 15.74 -18.05
N ALA C 74 36.32 16.08 -16.75
CA ALA C 74 35.24 16.85 -16.16
C ALA C 74 35.81 18.11 -15.52
N HIS C 75 35.33 19.27 -15.98
CA HIS C 75 35.67 20.55 -15.35
C HIS C 75 34.38 21.22 -14.80
N GLY C 76 34.31 21.38 -13.47
CA GLY C 76 33.39 22.37 -12.92
C GLY C 76 33.55 22.56 -11.41
N ASN C 77 32.51 23.14 -10.81
CA ASN C 77 32.61 23.62 -9.45
C ASN C 77 32.29 22.48 -8.49
N THR C 78 32.89 22.51 -7.30
CA THR C 78 32.43 21.71 -6.14
C THR C 78 32.32 22.62 -4.91
N GLU C 79 31.81 22.05 -3.82
CA GLU C 79 31.77 22.77 -2.54
C GLU C 79 33.19 23.22 -2.17
N SER C 80 34.19 22.35 -2.36
CA SER C 80 35.59 22.73 -2.09
C SER C 80 36.26 23.16 -3.41
N GLY C 81 35.94 24.37 -3.89
CA GLY C 81 36.61 24.98 -5.05
C GLY C 81 36.26 24.31 -6.37
N LEU C 82 36.77 24.87 -7.47
CA LEU C 82 36.54 24.26 -8.79
C LEU C 82 37.65 23.26 -9.10
N LEU C 83 37.29 22.30 -9.95
CA LEU C 83 37.98 21.01 -10.07
C LEU C 83 37.94 20.57 -11.54
N THR C 84 39.13 20.22 -12.06
CA THR C 84 39.31 19.46 -13.26
C THR C 84 39.77 18.06 -12.83
N THR C 85 39.03 17.06 -13.30
CA THR C 85 39.26 15.65 -13.03
C THR C 85 39.43 14.95 -14.39
N HIS C 86 40.18 13.84 -14.42
CA HIS C 86 40.22 12.98 -15.61
C HIS C 86 40.09 11.52 -15.20
N SER C 87 39.26 10.81 -15.98
CA SER C 87 38.98 9.39 -15.86
C SER C 87 39.39 8.70 -17.16
N THR C 88 39.97 7.51 -17.04
CA THR C 88 40.57 6.81 -18.16
C THR C 88 40.11 5.35 -18.13
N TRP C 89 39.75 4.76 -19.29
CA TRP C 89 39.51 3.29 -19.33
C TRP C 89 39.43 2.72 -20.76
N CYS C 90 39.46 1.37 -20.83
CA CYS C 90 39.20 0.56 -22.05
C CYS C 90 37.71 0.54 -22.34
N THR C 91 37.32 0.81 -23.59
CA THR C 91 35.91 0.86 -23.96
C THR C 91 35.69 0.16 -25.31
N ASP C 92 34.46 -0.34 -25.53
CA ASP C 92 33.97 -0.64 -26.87
C ASP C 92 33.38 0.67 -27.41
N SER C 93 33.25 0.76 -28.74
CA SER C 93 32.89 2.02 -29.43
C SER C 93 32.71 3.19 -28.46
N CYS C 94 33.73 4.07 -28.35
CA CYS C 94 33.47 5.39 -27.80
C CYS C 94 33.27 6.40 -28.95
N GLN C 95 32.34 7.33 -28.70
CA GLN C 95 32.17 8.55 -29.45
C GLN C 95 32.75 9.67 -28.60
N PRO C 96 33.65 10.52 -29.12
CA PRO C 96 34.04 11.72 -28.41
C PRO C 96 32.88 12.72 -28.37
N ILE C 97 32.77 13.43 -27.24
CA ILE C 97 31.81 14.53 -27.10
C ILE C 97 32.42 15.65 -26.26
N THR C 98 31.91 16.87 -26.47
CA THR C 98 31.94 17.93 -25.47
C THR C 98 30.52 18.41 -25.21
N LYS C 99 30.11 18.36 -23.94
CA LYS C 99 28.76 18.74 -23.51
C LYS C 99 28.88 19.40 -22.14
N THR C 100 27.94 20.30 -21.83
CA THR C 100 28.10 21.17 -20.66
C THR C 100 27.36 20.64 -19.42
N VAL C 101 26.32 19.83 -19.57
CA VAL C 101 25.62 19.09 -18.43
C VAL C 101 25.71 19.76 -17.03
N GLU C 102 24.61 20.39 -16.59
CA GLU C 102 24.48 21.05 -15.24
C GLU C 102 25.76 21.78 -14.85
N GLY C 103 26.18 22.68 -15.73
CA GLY C 103 27.18 23.65 -15.41
C GLY C 103 28.58 23.10 -15.41
N THR C 104 28.80 21.79 -15.52
CA THR C 104 30.17 21.27 -15.56
C THR C 104 30.48 20.70 -16.97
N GLN C 105 31.55 21.20 -17.58
CA GLN C 105 32.00 20.84 -18.92
C GLN C 105 32.62 19.43 -18.93
N VAL C 106 32.08 18.57 -19.79
CA VAL C 106 32.51 17.19 -19.94
C VAL C 106 33.05 16.99 -21.37
N THR C 107 34.23 16.37 -21.49
CA THR C 107 34.86 16.05 -22.78
C THR C 107 35.32 14.59 -22.81
N MET C 108 34.91 13.83 -23.83
CA MET C 108 35.38 12.48 -24.06
C MET C 108 36.22 12.45 -25.33
N THR C 109 37.39 11.79 -25.20
CA THR C 109 38.32 11.54 -26.29
C THR C 109 38.59 10.03 -26.39
N CYS C 110 38.97 9.61 -27.60
CA CYS C 110 39.21 8.25 -27.97
C CYS C 110 40.59 8.14 -28.64
N CYS C 111 41.18 6.94 -28.64
CA CYS C 111 42.45 6.65 -29.35
C CYS C 111 42.68 5.12 -29.45
N GLN C 112 43.58 4.66 -30.34
CA GLN C 112 43.74 3.18 -30.60
C GLN C 112 45.19 2.71 -30.47
N SER C 113 45.96 3.30 -29.55
CA SER C 113 47.33 2.80 -29.30
C SER C 113 47.62 2.80 -27.80
N SER C 114 48.46 1.85 -27.38
CA SER C 114 48.80 1.65 -25.98
C SER C 114 49.12 2.98 -25.27
N LEU C 115 48.53 3.14 -24.08
CA LEU C 115 48.84 4.23 -23.17
C LEU C 115 48.68 5.58 -23.87
N CYS C 116 47.73 5.69 -24.81
CA CYS C 116 47.50 6.96 -25.48
C CYS C 116 46.46 7.81 -24.76
N ASN C 117 45.71 7.21 -23.83
CA ASN C 117 44.60 7.93 -23.23
C ASN C 117 45.08 8.74 -22.03
N VAL C 118 45.68 9.90 -22.32
CA VAL C 118 46.12 10.83 -21.30
C VAL C 118 45.44 12.18 -21.55
N PRO C 119 45.17 12.96 -20.49
CA PRO C 119 44.52 14.27 -20.65
C PRO C 119 45.27 15.16 -21.63
N PRO C 120 44.57 15.98 -22.45
CA PRO C 120 45.21 16.85 -23.44
C PRO C 120 46.30 17.82 -22.97
N TRP C 121 46.49 17.97 -21.66
CA TRP C 121 47.54 18.87 -21.09
C TRP C 121 48.69 18.03 -20.50
N GLN C 122 48.65 16.71 -20.70
CA GLN C 122 49.62 15.74 -20.18
C GLN C 122 50.20 14.93 -21.35
N SER C 123 51.37 14.33 -21.09
CA SER C 123 52.34 13.86 -22.11
C SER C 123 52.62 12.35 -21.97
N SER C 124 52.94 11.70 -23.10
CA SER C 124 53.33 10.28 -23.18
C SER C 124 54.84 10.17 -23.35
N LEU D 42 -32.22 -23.12 39.55
CA LEU D 42 -31.75 -23.97 38.40
C LEU D 42 -32.86 -24.08 37.33
N LEU D 43 -32.50 -23.82 36.07
CA LEU D 43 -33.40 -23.68 34.94
C LEU D 43 -32.92 -24.52 33.75
N ARG D 44 -33.87 -25.13 33.06
CA ARG D 44 -33.64 -25.75 31.76
C ARG D 44 -34.39 -24.93 30.70
N CYS D 45 -33.73 -24.65 29.58
CA CYS D 45 -34.32 -23.84 28.52
C CYS D 45 -34.15 -24.57 27.18
N TYR D 46 -35.03 -24.25 26.23
CA TYR D 46 -34.88 -24.67 24.83
C TYR D 46 -33.65 -23.95 24.24
N THR D 47 -32.77 -24.69 23.57
CA THR D 47 -31.60 -24.09 22.92
C THR D 47 -31.52 -24.57 21.47
N CYS D 48 -32.08 -23.75 20.58
CA CYS D 48 -32.26 -24.04 19.16
C CYS D 48 -32.00 -22.78 18.34
N LYS D 49 -31.00 -22.83 17.44
CA LYS D 49 -30.68 -21.72 16.59
C LYS D 49 -31.56 -21.80 15.33
N SER D 50 -32.37 -20.77 15.13
CA SER D 50 -32.97 -20.42 13.81
C SER D 50 -33.84 -21.57 13.28
N LEU D 51 -35.06 -21.70 13.84
CA LEU D 51 -35.98 -22.76 13.39
C LEU D 51 -37.15 -22.12 12.64
N PRO D 52 -37.71 -22.80 11.60
CA PRO D 52 -38.89 -22.31 10.89
C PRO D 52 -40.08 -22.26 11.85
N ARG D 53 -41.04 -21.36 11.57
CA ARG D 53 -42.25 -21.09 12.37
C ARG D 53 -42.82 -22.36 13.02
N ASP D 54 -43.08 -23.38 12.19
CA ASP D 54 -43.84 -24.54 12.59
C ASP D 54 -42.89 -25.74 12.75
N GLU D 55 -41.63 -25.49 13.12
CA GLU D 55 -40.75 -26.51 13.67
C GLU D 55 -40.73 -26.35 15.18
N ARG D 56 -40.81 -27.48 15.89
CA ARG D 56 -40.68 -27.48 17.32
C ARG D 56 -39.21 -27.73 17.66
N CYS D 57 -38.80 -27.20 18.81
CA CYS D 57 -37.46 -27.32 19.28
C CYS D 57 -37.40 -28.52 20.24
N ASN D 58 -36.39 -29.39 20.09
CA ASN D 58 -36.22 -30.53 21.01
C ASN D 58 -34.75 -30.63 21.43
N LEU D 59 -34.09 -29.48 21.56
CA LEU D 59 -32.79 -29.39 22.23
C LEU D 59 -32.98 -28.54 23.49
N THR D 60 -32.40 -28.95 24.62
CA THR D 60 -32.52 -28.22 25.86
C THR D 60 -31.16 -28.14 26.56
N GLN D 61 -30.97 -27.08 27.36
CA GLN D 61 -29.77 -26.92 28.15
C GLN D 61 -30.15 -26.61 29.59
N ASN D 62 -29.30 -27.06 30.52
CA ASN D 62 -29.27 -26.56 31.87
C ASN D 62 -28.51 -25.22 31.88
N CYS D 63 -29.19 -24.14 32.26
CA CYS D 63 -28.57 -22.82 32.43
C CYS D 63 -27.77 -22.79 33.74
N SER D 64 -26.97 -21.72 33.93
CA SER D 64 -26.13 -21.55 35.12
C SER D 64 -26.71 -20.45 36.02
N HIS D 65 -26.31 -20.48 37.30
CA HIS D 65 -26.85 -19.56 38.30
C HIS D 65 -26.92 -18.15 37.67
N GLY D 66 -28.13 -17.58 37.65
CA GLY D 66 -28.34 -16.19 37.25
C GLY D 66 -29.06 -16.09 35.91
N GLN D 67 -28.99 -17.16 35.11
CA GLN D 67 -29.49 -17.18 33.73
C GLN D 67 -31.01 -17.33 33.69
N THR D 68 -31.61 -16.77 32.63
CA THR D 68 -33.02 -16.98 32.31
C THR D 68 -33.13 -17.60 30.90
N CYS D 69 -34.36 -18.01 30.55
CA CYS D 69 -34.70 -18.52 29.21
C CYS D 69 -35.07 -17.34 28.31
N THR D 70 -34.53 -17.34 27.09
CA THR D 70 -34.90 -16.33 26.12
C THR D 70 -35.35 -16.98 24.81
N THR D 71 -36.16 -16.20 24.09
CA THR D 71 -36.66 -16.55 22.77
C THR D 71 -36.66 -15.28 21.92
N LEU D 72 -35.95 -15.37 20.79
CA LEU D 72 -35.80 -14.34 19.75
C LEU D 72 -36.64 -14.79 18.56
N ILE D 73 -37.70 -14.04 18.24
CA ILE D 73 -38.51 -14.29 17.06
C ILE D 73 -38.15 -13.23 16.02
N ALA D 74 -37.96 -13.70 14.77
CA ALA D 74 -37.76 -12.81 13.64
C ALA D 74 -38.86 -13.06 12.60
N HIS D 75 -39.63 -12.02 12.30
CA HIS D 75 -40.69 -12.09 11.33
C HIS D 75 -40.47 -11.04 10.23
N GLY D 76 -40.31 -11.50 8.98
CA GLY D 76 -40.11 -10.58 7.87
C GLY D 76 -39.85 -11.28 6.53
N ASN D 77 -39.49 -10.47 5.54
CA ASN D 77 -39.38 -10.90 4.18
C ASN D 77 -38.02 -11.57 3.96
N THR D 78 -37.99 -12.54 3.04
CA THR D 78 -36.74 -13.19 2.60
C THR D 78 -36.76 -13.31 1.07
N GLU D 79 -35.66 -13.85 0.51
CA GLU D 79 -35.60 -14.16 -0.92
C GLU D 79 -36.78 -15.10 -1.28
N SER D 80 -37.03 -16.10 -0.43
CA SER D 80 -38.17 -17.01 -0.61
C SER D 80 -39.41 -16.47 0.13
N GLY D 81 -39.57 -16.85 1.40
CA GLY D 81 -40.82 -16.66 2.12
C GLY D 81 -41.06 -15.23 2.58
N LEU D 82 -42.25 -15.05 3.16
CA LEU D 82 -42.55 -14.28 4.35
C LEU D 82 -42.28 -15.23 5.52
N LEU D 83 -41.08 -15.10 6.10
CA LEU D 83 -40.49 -16.08 7.02
C LEU D 83 -40.66 -15.61 8.47
N THR D 84 -41.18 -16.52 9.32
CA THR D 84 -41.06 -16.42 10.76
C THR D 84 -40.06 -17.49 11.22
N THR D 85 -39.05 -17.04 11.96
CA THR D 85 -38.01 -17.89 12.53
C THR D 85 -38.01 -17.68 14.06
N HIS D 86 -37.61 -18.70 14.82
CA HIS D 86 -37.42 -18.53 16.27
C HIS D 86 -36.13 -19.21 16.72
N SER D 87 -35.41 -18.49 17.59
CA SER D 87 -34.17 -18.90 18.22
C SER D 87 -34.38 -18.89 19.73
N THR D 88 -33.77 -19.86 20.41
CA THR D 88 -34.03 -20.10 21.82
C THR D 88 -32.69 -20.34 22.52
N TRP D 89 -32.45 -19.72 23.69
CA TRP D 89 -31.24 -20.09 24.49
C TRP D 89 -31.25 -19.54 25.93
N CYS D 90 -30.31 -20.06 26.75
CA CYS D 90 -30.02 -19.56 28.12
C CYS D 90 -29.19 -18.28 28.04
N THR D 91 -29.59 -17.25 28.79
CA THR D 91 -28.92 -15.95 28.72
C THR D 91 -28.79 -15.33 30.12
N ASP D 92 -27.77 -14.49 30.29
CA ASP D 92 -27.73 -13.52 31.37
C ASP D 92 -28.49 -12.27 30.91
N SER D 93 -28.80 -11.40 31.87
CA SER D 93 -29.72 -10.27 31.72
C SER D 93 -30.39 -10.27 30.33
N CYS D 94 -31.61 -10.82 30.29
CA CYS D 94 -32.49 -10.70 29.17
C CYS D 94 -33.47 -9.56 29.45
N GLN D 95 -33.42 -8.51 28.62
CA GLN D 95 -34.38 -7.41 28.60
C GLN D 95 -35.28 -7.66 27.39
N PRO D 96 -36.62 -7.70 27.54
CA PRO D 96 -37.49 -7.97 26.40
C PRO D 96 -37.48 -6.78 25.44
N ILE D 97 -37.49 -7.08 24.13
CA ILE D 97 -37.19 -6.18 23.06
C ILE D 97 -38.18 -6.30 21.92
N THR D 98 -38.59 -5.21 21.28
CA THR D 98 -39.36 -5.29 20.08
C THR D 98 -38.93 -4.12 19.20
N LYS D 99 -38.28 -4.44 18.07
CA LYS D 99 -37.72 -3.43 17.18
C LYS D 99 -37.88 -3.94 15.74
N THR D 100 -38.03 -3.02 14.79
CA THR D 100 -38.46 -3.37 13.44
C THR D 100 -37.25 -3.49 12.48
N VAL D 101 -36.12 -2.84 12.81
CA VAL D 101 -34.75 -3.17 12.30
C VAL D 101 -34.76 -3.51 10.80
N GLU D 102 -34.42 -2.49 10.01
CA GLU D 102 -34.60 -2.48 8.56
C GLU D 102 -35.93 -3.16 8.27
N GLY D 103 -35.93 -4.26 7.51
CA GLY D 103 -37.17 -4.86 7.04
C GLY D 103 -37.96 -5.56 8.14
N THR D 104 -37.27 -6.24 9.07
CA THR D 104 -37.86 -7.39 9.73
C THR D 104 -38.09 -7.13 11.23
N GLN D 105 -39.29 -7.50 11.70
CA GLN D 105 -39.74 -7.37 13.09
C GLN D 105 -39.00 -8.39 13.96
N VAL D 106 -38.32 -7.89 15.01
CA VAL D 106 -37.56 -8.71 15.94
C VAL D 106 -38.15 -8.51 17.34
N THR D 107 -38.44 -9.63 18.01
CA THR D 107 -39.00 -9.63 19.37
C THR D 107 -38.21 -10.61 20.26
N MET D 108 -37.73 -10.11 21.40
CA MET D 108 -37.11 -10.94 22.40
C MET D 108 -38.00 -10.99 23.65
N THR D 109 -38.21 -12.22 24.12
CA THR D 109 -38.95 -12.51 25.33
C THR D 109 -38.07 -13.32 26.29
N CYS D 110 -38.36 -13.16 27.57
CA CYS D 110 -37.64 -13.78 28.67
C CYS D 110 -38.64 -14.51 29.56
N CYS D 111 -38.17 -15.54 30.26
CA CYS D 111 -38.96 -16.24 31.25
C CYS D 111 -38.04 -17.03 32.20
N GLN D 112 -38.61 -17.43 33.35
CA GLN D 112 -37.84 -17.86 34.51
C GLN D 112 -38.19 -19.30 34.95
N SER D 113 -38.78 -20.11 34.06
CA SER D 113 -39.20 -21.48 34.43
C SER D 113 -38.85 -22.47 33.32
N SER D 114 -38.55 -23.70 33.71
CA SER D 114 -38.00 -24.69 32.79
C SER D 114 -38.88 -24.81 31.54
N LEU D 115 -38.21 -24.88 30.37
CA LEU D 115 -38.82 -25.15 29.09
C LEU D 115 -39.96 -24.15 28.83
N CYS D 116 -39.83 -22.91 29.31
CA CYS D 116 -40.87 -21.91 29.08
C CYS D 116 -40.61 -21.14 27.78
N ASN D 117 -39.41 -21.21 27.22
CA ASN D 117 -39.09 -20.38 26.08
C ASN D 117 -39.54 -21.08 24.77
N VAL D 118 -40.85 -21.02 24.51
CA VAL D 118 -41.42 -21.54 23.27
C VAL D 118 -42.14 -20.40 22.56
N PRO D 119 -42.12 -20.37 21.21
CA PRO D 119 -42.81 -19.32 20.47
C PRO D 119 -44.27 -19.24 20.88
N PRO D 120 -44.85 -18.02 21.02
CA PRO D 120 -46.22 -17.87 21.53
C PRO D 120 -47.34 -18.58 20.77
N TRP D 121 -47.04 -19.16 19.59
CA TRP D 121 -48.03 -19.89 18.77
C TRP D 121 -47.86 -21.41 18.88
N GLN D 122 -47.03 -21.88 19.85
CA GLN D 122 -46.65 -23.30 19.92
C GLN D 122 -47.12 -23.92 21.24
C1 NAG E . 31.27 0.09 6.94
C2 NAG E . 31.52 0.19 8.44
C3 NAG E . 32.68 1.16 8.52
C4 NAG E . 33.88 0.54 7.79
C5 NAG E . 33.62 -0.22 6.48
C6 NAG E . 34.59 -1.41 6.31
C7 NAG E . 29.55 -0.31 9.85
C8 NAG E . 28.47 0.26 10.72
N2 NAG E . 30.36 0.57 9.25
O3 NAG E . 33.00 1.43 9.90
O4 NAG E . 34.80 1.59 7.45
O5 NAG E . 32.30 -0.74 6.42
O6 NAG E . 35.00 -1.58 4.95
O7 NAG E . 29.67 -1.52 9.76
C1 NAG E . 35.90 1.50 8.37
C2 NAG E . 37.18 1.94 7.67
C3 NAG E . 38.01 2.97 8.46
C4 NAG E . 37.79 3.01 10.00
C5 NAG E . 36.68 2.07 10.47
C6 NAG E . 36.20 2.36 11.88
C7 NAG E . 37.82 0.00 6.26
C8 NAG E . 38.62 -1.27 6.22
N2 NAG E . 37.97 0.74 7.37
O3 NAG E . 37.72 4.26 7.90
O4 NAG E . 38.98 2.64 10.72
O5 NAG E . 35.61 2.23 9.55
O6 NAG E . 36.34 1.15 12.63
O7 NAG E . 37.07 0.29 5.33
C1 BMA E . 39.91 3.74 10.85
C2 BMA E . 40.20 3.96 12.35
C3 BMA E . 41.31 4.99 12.57
C4 BMA E . 42.50 4.82 11.61
C5 BMA E . 42.05 4.61 10.17
C6 BMA E . 43.21 4.33 9.22
O2 BMA E . 40.54 2.71 12.96
O3 BMA E . 41.76 4.87 13.93
O4 BMA E . 43.34 5.99 11.66
O5 BMA E . 41.13 3.52 10.12
O6 BMA E . 42.96 4.96 7.97
C1 NAG F . 1.33 -5.94 -55.54
C2 NAG F . 1.03 -4.77 -56.49
C3 NAG F . 2.27 -4.22 -57.21
C4 NAG F . 3.50 -4.12 -56.33
C5 NAG F . 3.64 -5.37 -55.46
C6 NAG F . 4.81 -5.28 -54.47
C7 NAG F . -1.18 -4.66 -57.61
C8 NAG F . -2.16 -5.49 -58.40
N2 NAG F . -0.01 -5.28 -57.38
O3 NAG F . 1.96 -2.90 -57.69
O4 NAG F . 4.67 -3.93 -57.14
O5 NAG F . 2.43 -5.55 -54.71
O6 NAG F . 4.83 -6.41 -53.59
O7 NAG F . -1.47 -3.55 -57.21
C1 NAG F . 4.93 -2.54 -57.50
C2 NAG F . 6.40 -2.23 -57.26
C3 NAG F . 6.77 -0.90 -57.88
C4 NAG F . 6.64 -0.93 -59.41
C5 NAG F . 5.54 -1.91 -59.87
C6 NAG F . 6.14 -3.21 -60.42
C7 NAG F . 7.56 -3.00 -55.24
C8 NAG F . 7.74 -2.80 -53.76
N2 NAG F . 6.69 -2.18 -55.83
O3 NAG F . 8.11 -0.59 -57.47
O4 NAG F . 6.31 0.39 -59.92
O5 NAG F . 4.54 -2.22 -58.85
O6 NAG F . 5.29 -4.32 -60.13
O7 NAG F . 8.17 -3.84 -55.86
C1 BMA F . 7.28 1.19 -60.67
C2 BMA F . 8.74 0.74 -60.67
C3 BMA F . 9.60 1.89 -61.20
C4 BMA F . 9.13 2.32 -62.60
C5 BMA F . 7.60 2.44 -62.72
C6 BMA F . 7.19 2.49 -64.20
O2 BMA F . 8.93 -0.42 -61.50
O3 BMA F . 10.98 1.52 -61.24
O4 BMA F . 9.73 3.58 -62.93
O5 BMA F . 6.93 1.36 -62.05
O6 BMA F . 6.34 3.61 -64.44
C1 FUC F . 5.79 -6.20 -52.51
C2 FUC F . 5.70 -7.34 -51.48
C3 FUC F . 5.90 -8.65 -52.23
C4 FUC F . 7.32 -8.61 -52.81
C5 FUC F . 7.54 -7.35 -53.65
C6 FUC F . 9.00 -7.21 -54.06
O2 FUC F . 4.47 -7.32 -50.75
O3 FUC F . 5.72 -9.77 -51.37
O4 FUC F . 8.26 -8.63 -51.74
O5 FUC F . 7.15 -6.16 -52.93
C1 NAG G . -8.77 20.12 51.62
C2 NAG G . -9.52 21.31 52.19
C3 NAG G . -10.99 21.09 52.59
C4 NAG G . -11.67 19.84 52.00
C5 NAG G . -10.67 18.71 51.72
C6 NAG G . -11.30 17.49 51.05
C7 NAG G . -7.99 22.79 53.40
C8 NAG G . -7.20 22.99 54.68
N2 NAG G . -8.75 21.70 53.36
O3 NAG G . -11.70 22.26 52.14
O4 NAG G . -12.70 19.40 52.92
O5 NAG G . -9.63 19.24 50.89
O6 NAG G . -10.33 16.45 50.86
O7 NAG G . -7.92 23.58 52.47
C1 NAG G . -14.03 19.76 52.45
C2 NAG G . -15.03 18.67 52.86
C3 NAG G . -16.40 19.25 53.18
C4 NAG G . -16.36 20.31 54.29
C5 NAG G . -15.12 21.22 54.17
C6 NAG G . -14.17 21.01 55.36
C7 NAG G . -14.78 16.40 51.89
C8 NAG G . -15.06 15.57 50.67
N2 NAG G . -15.17 17.69 51.79
O3 NAG G . -17.26 18.17 53.59
O4 NAG G . -17.56 21.11 54.28
O5 NAG G . -14.45 21.06 52.90
O6 NAG G . -13.39 22.19 55.52
O7 NAG G . -14.22 15.94 52.88
C1 FUC G . -10.94 15.20 50.42
C2 FUC G . -9.82 14.33 49.87
C3 FUC G . -8.89 13.88 50.98
C4 FUC G . -9.69 13.18 52.07
C5 FUC G . -10.78 14.16 52.55
C6 FUC G . -11.56 13.57 53.72
O2 FUC G . -9.06 15.05 48.91
O3 FUC G . -7.87 13.02 50.46
O4 FUC G . -10.27 11.98 51.56
O5 FUC G . -11.64 14.48 51.45
CA CA H . -5.75 -23.80 -29.95
C1 NAG I . -16.80 -27.20 1.25
C2 NAG I . -16.44 -28.26 0.22
C3 NAG I . -17.61 -29.20 -0.06
C4 NAG I . -17.91 -29.97 1.21
C5 NAG I . -18.22 -29.02 2.38
C6 NAG I . -17.60 -29.54 3.69
C7 NAG I . -14.64 -27.57 -1.31
C8 NAG I . -14.30 -26.85 -2.58
N2 NAG I . -15.95 -27.63 -1.00
O3 NAG I . -17.26 -30.12 -1.11
O4 NAG I . -19.02 -30.89 0.99
O5 NAG I . -17.84 -27.63 2.18
O6 NAG I . -18.61 -29.87 4.66
O7 NAG I . -13.77 -28.06 -0.59
CA CA J . 14.41 5.89 35.24
C1 NAG K . 53.54 2.94 -10.54
C2 NAG K . 53.49 1.44 -10.92
C3 NAG K . 54.33 0.70 -9.87
C4 NAG K . 55.77 1.21 -9.81
C5 NAG K . 55.91 2.75 -9.80
C6 NAG K . 57.29 3.12 -10.36
C7 NAG K . 51.79 -0.23 -11.66
C8 NAG K . 50.33 -0.63 -11.59
N2 NAG K . 52.13 0.90 -10.99
O3 NAG K . 54.36 -0.71 -10.15
O4 NAG K . 56.42 0.68 -8.64
O5 NAG K . 54.90 3.43 -10.57
O6 NAG K . 57.76 4.34 -9.77
O7 NAG K . 52.58 -0.90 -12.29
#